data_8AQW
#
_entry.id   8AQW
#
loop_
_entity.id
_entity.type
_entity.pdbx_description
1 polymer 'Spike glycoprotein,Fibritin'
2 polymer 'Processed angiotensin-converting enzyme 2,Ig gamma-2A chain C region, A allele'
3 branched 2-acetamido-2-deoxy-beta-D-glucopyranose-(1-4)-2-acetamido-2-deoxy-beta-D-glucopyranose
4 non-polymer 2-acetamido-2-deoxy-beta-D-glucopyranose
#
loop_
_entity_poly.entity_id
_entity_poly.type
_entity_poly.pdbx_seq_one_letter_code
_entity_poly.pdbx_strand_id
1 'polypeptide(L)'
;MFVFLVLLPLVSSQCVNLITRTQSYTNSFTRGVYYPDKVFRSSVLHSTQDLFLPFFSNVTWFHAISGTNGTKRFDNPVLP
FNDGVYFASTEKSNIIRGWIFGTTLDSKTQSLLIVNNATNVVIKVCEFQFCNDPFLDVYYHKNNKSWMESEFRVYSSANN
CTFEYVSQPFLMDLEGKQGNFKNLREFVFKNIDGYFKIYSKHTPINLGRDLPQGFSALEPLVDLPIGINITRFQTLLALH
RSYLTPGDSSSGWTAGAAAYYVGYLQPRTFLLKYNENGTITDAVDCALDPLSETKCTLKSFTVEKGIYQTSNFRVQPTES
IVRFPNITNLCPFDEVFNATRFASVYAWNRKRISNCVADYSVLYNFAPFFAFKCYGVSPTKLNDLCFTNVYADSFVIRGN
EVSQIAPGQTGNIADYNYKLPDDFTGCVIAWNSNKLDSKVGGNYNYRYRLFRKSNLKPFERDISTEIYQAGNKPCNGVAG
VNCYFPLQSYGFRPTYGVGHQPYRVVVLSFELLHAPATVCGPKKSTNLVKNKCVNFNFNGLTGTGVLTESNKKFLPFQQF
GRDIADTTDAVRDPQTLEILDITPCSFGGVSVITPGTNTSNQVAVLYQGVNCTEVPVAIHADQLTPTWRVYSTGSNVFQT
RAGCLIGAEYVNNSYECDIPIGAGICASYQTQTKSHGSASSVASQSIIAYTMSLGAENSVAYSNNSIAIPTNFTISVTTE
ILPVSMTKTSVDCTMYICGDSTECSNLLLQYGSFCTQLKRALTGIAVEQDKNTQEVFAQVKQIYKTPPIKYFGGFNFSQI
LPDPSKPSKRSFIEDLLFNKVTLADAGFIKQYGDCLGDIAARDLICAQKFNGLTVLPPLLTDEMIAQYTSALLAGTITSG
WTFGAGAALQIPFAMQMAYRFNGIGVTQNVLYENQKLIANQFNSAIGKIQDSLSSTASALGKLQDVVNHNAQALNTLVKQ
LSSKFGAISSVLNDILSRLDPPEAEVQIDRLITGRLQSLQTYVTQQLIRAAEIRASANLAATKMSECVLGQSKRVDFCGK
GYHLMSFPQSAPHGVVFLHVTYVPAQEKNFTTAPAICHDGKAHFPREGVFVSNGTHWFVTQRNFYEPQIITTDNTFVSGN
CDVVIGIVNNTVYDPLQPELDSFKEELDKYFKNHTSPDVDLGDISGINASVVNIQKEIDRLNEVAKNLNESLIDLQELGK
YEQGSGYIPEAPRDGQAYVRKDGEWVLLSTFLGRSLEVLFQGPGHHHHHHHHSAWSHPQFEKGGGSGGGGSGGSAWSHPQ
FEK
;
B
2 'polypeptide(L)'
;MGTLSAPPCTQRIKWKGLLLTASLLNFWNLPTTASLTEENAKTFLNNFNQEAEDLSYQSSLASWNYNTNITEENAQKMSE
AAAKWSAFYEEQSKTAQSFSLQEIQTPIIKRQLQALQQSGSSALSADKNKQLNTILNTMSTIYSTGKVCNPKNPQECLLL
EPGLDEIMATSTDYNSRLWAWEGWRAEVGKQLRPLYEEYVVLKNEMARANNYNDYGDYWRGDYEAEGADGYNYNRNQLIE
DVERTFAEIKPLYEHLHAYVRRKLMDTYPSYISPTGCLPAHLLGDMWGRFWTNLYPLTVPFAQKPNIDVTDAMMNQGWDA
ERIFQEAEKFFVSVGLPHMTQGFWANSMLTEPADGRKVVCHPTAWDLGHGDFRIKMCTKVTMDNFLTAHHEMGHIQYDMA
YARQPFLLRNGANEGFHEAVGEIMSLSAATPKHLKSIGLLPSDFQEDSETEINFLLKQALTIVGTLPFTYMLEKWRWMVF
RGEIPKEQWMKKWWEMKREIVGVVEPLPHDETYCDPASLFHVSNDYSFIRYYTRTIYQFQFQEALCQAAKYNGSLHKCDI
SNSTEAGQKLLKMLSLGNSEPWTKALENVVGARNMDVKPLLNYFQPLFDWLKEQNRNSFVGWNTEWSPYADLEVLFQGPM
DEPRGPTIKPCPPCKCPAPNLLGGPSVFIFPPKIKDVLMISLSPIVTCVVVDVSEDDPDVQISWFVNNVEVHTAQTQTHR
EDYNSTLRVVSALPIQHQDWMSGKEFKCKVNNKDLPAPIERTISKPKGSVRAPQVYVLPPPEEEMTKKQVTLTCMVTDFM
PEDIYVEWTNNGKTELNYKNTEPVLDSDGSYFMYSKLRVEKKNWVERNSYSCSVVHEGLHNHHTTKSFSRTPGKHHHHHH
HHHH
;
A
#
loop_
_chem_comp.id
_chem_comp.type
_chem_comp.name
_chem_comp.formula
NAG D-saccharide, beta linking 2-acetamido-2-deoxy-beta-D-glucopyranose 'C8 H15 N O6'
#
# COMPACT_ATOMS: atom_id res chain seq x y z
N THR A 328 58.02 -17.44 8.75
CA THR A 328 57.60 -16.36 7.88
C THR A 328 56.72 -15.37 8.64
N ASN A 329 57.03 -14.08 8.51
CA ASN A 329 56.29 -13.03 9.19
C ASN A 329 55.04 -12.70 8.38
N LEU A 330 53.88 -13.09 8.90
CA LEU A 330 52.62 -12.83 8.22
C LEU A 330 52.28 -11.35 8.25
N CYS A 331 51.34 -10.96 7.39
CA CYS A 331 51.00 -9.55 7.31
C CYS A 331 49.72 -9.28 8.10
N PRO A 332 49.66 -8.17 8.85
CA PRO A 332 48.49 -7.95 9.71
C PRO A 332 47.23 -7.60 8.94
N PHE A 333 46.55 -8.63 8.42
CA PHE A 333 45.26 -8.45 7.77
C PHE A 333 44.09 -8.85 8.65
N ASP A 334 44.30 -9.78 9.57
CA ASP A 334 43.24 -10.19 10.48
C ASP A 334 42.78 -9.09 11.42
N GLU A 335 43.67 -8.17 11.79
CA GLU A 335 43.32 -7.09 12.70
C GLU A 335 42.71 -5.89 11.99
N VAL A 336 42.50 -5.97 10.68
CA VAL A 336 41.81 -4.91 9.95
C VAL A 336 40.57 -5.50 9.30
N PHE A 337 40.56 -6.82 9.12
CA PHE A 337 39.37 -7.50 8.60
C PHE A 337 38.49 -8.06 9.70
N ASN A 338 39.00 -8.15 10.93
CA ASN A 338 38.28 -8.71 12.07
C ASN A 338 38.39 -7.72 13.22
N ALA A 339 37.47 -6.75 13.27
CA ALA A 339 37.48 -5.74 14.29
C ALA A 339 36.09 -5.64 14.91
N THR A 340 36.04 -5.27 16.18
CA THR A 340 34.77 -5.13 16.88
C THR A 340 34.00 -3.90 16.41
N ARG A 341 34.71 -2.84 16.01
CA ARG A 341 34.06 -1.60 15.60
C ARG A 341 34.90 -0.93 14.53
N PHE A 342 34.28 -0.58 13.41
CA PHE A 342 34.92 0.23 12.38
C PHE A 342 34.67 1.71 12.67
N ALA A 343 35.04 2.56 11.72
CA ALA A 343 34.94 4.00 11.87
C ALA A 343 33.84 4.55 10.98
N SER A 344 33.43 5.78 11.26
CA SER A 344 32.38 6.43 10.51
C SER A 344 32.83 6.73 9.08
N VAL A 345 31.87 7.08 8.23
CA VAL A 345 32.16 7.31 6.82
C VAL A 345 33.01 8.56 6.64
N TYR A 346 32.64 9.64 7.33
CA TYR A 346 33.30 10.92 7.11
C TYR A 346 34.72 10.94 7.66
N ALA A 347 35.06 10.06 8.60
CA ALA A 347 36.41 9.93 9.13
C ALA A 347 36.83 8.47 9.02
N TRP A 348 37.34 8.10 7.84
CA TRP A 348 37.81 6.74 7.62
C TRP A 348 39.14 6.51 8.33
N ASN A 349 39.42 5.23 8.61
CA ASN A 349 40.55 4.84 9.44
C ASN A 349 41.65 4.27 8.55
N ARG A 350 42.59 5.12 8.16
CA ARG A 350 43.71 4.69 7.34
C ARG A 350 44.73 3.93 8.16
N LYS A 351 45.36 2.94 7.52
CA LYS A 351 46.40 2.14 8.16
C LYS A 351 47.51 1.89 7.16
N ARG A 352 48.72 2.37 7.47
CA ARG A 352 49.88 2.14 6.63
C ARG A 352 50.46 0.76 6.92
N ILE A 353 50.57 -0.06 5.89
CA ILE A 353 51.06 -1.43 6.03
C ILE A 353 52.36 -1.55 5.24
N SER A 354 53.41 -1.98 5.92
CA SER A 354 54.72 -2.13 5.28
C SER A 354 55.51 -3.21 6.02
N ASN A 355 56.52 -3.74 5.34
CA ASN A 355 57.39 -4.78 5.89
C ASN A 355 56.57 -5.98 6.37
N CYS A 356 55.89 -6.61 5.42
CA CYS A 356 55.07 -7.77 5.72
C CYS A 356 54.97 -8.65 4.48
N VAL A 357 54.62 -9.91 4.69
CA VAL A 357 54.40 -10.86 3.62
C VAL A 357 52.90 -10.88 3.32
N ALA A 358 52.52 -10.30 2.19
CA ALA A 358 51.11 -10.14 1.84
C ALA A 358 50.56 -11.49 1.38
N ASP A 359 49.68 -12.08 2.17
CA ASP A 359 48.99 -13.33 1.84
C ASP A 359 47.53 -12.99 1.57
N TYR A 360 47.19 -12.87 0.28
CA TYR A 360 45.84 -12.50 -0.13
C TYR A 360 44.89 -13.67 -0.21
N SER A 361 45.39 -14.90 -0.04
CA SER A 361 44.51 -16.06 -0.12
C SER A 361 43.56 -16.14 1.08
N VAL A 362 43.97 -15.59 2.22
CA VAL A 362 43.17 -15.67 3.44
C VAL A 362 42.02 -14.67 3.38
N LEU A 363 42.03 -13.81 2.36
CA LEU A 363 40.91 -12.88 2.18
C LEU A 363 39.62 -13.65 1.88
N TYR A 364 39.70 -14.69 1.04
CA TYR A 364 38.55 -15.52 0.73
C TYR A 364 38.15 -16.42 1.89
N ASN A 365 38.96 -16.50 2.94
CA ASN A 365 38.62 -17.36 4.07
C ASN A 365 37.33 -16.93 4.74
N PHE A 366 36.99 -15.64 4.67
CA PHE A 366 35.72 -15.19 5.19
C PHE A 366 34.56 -15.83 4.42
N ALA A 367 34.61 -15.73 3.08
CA ALA A 367 33.82 -16.37 2.01
C ALA A 367 32.75 -15.44 1.43
N PRO A 368 31.66 -15.11 2.12
CA PRO A 368 30.56 -14.40 1.44
C PRO A 368 30.90 -12.93 1.26
N PHE A 369 31.10 -12.52 0.00
CA PHE A 369 31.41 -11.14 -0.34
C PHE A 369 30.30 -10.59 -1.23
N PHE A 370 29.80 -9.40 -0.88
CA PHE A 370 28.84 -8.72 -1.75
C PHE A 370 29.48 -8.35 -3.08
N ALA A 371 30.71 -7.86 -3.05
CA ALA A 371 31.42 -7.47 -4.26
C ALA A 371 32.92 -7.63 -4.03
N PHE A 372 33.55 -8.47 -4.85
CA PHE A 372 34.99 -8.60 -4.85
C PHE A 372 35.64 -8.25 -6.19
N LYS A 373 34.87 -8.21 -7.27
CA LYS A 373 35.39 -7.71 -8.53
C LYS A 373 36.00 -6.33 -8.30
N CYS A 374 37.25 -6.15 -8.73
CA CYS A 374 37.99 -4.99 -8.27
C CYS A 374 39.00 -4.57 -9.33
N TYR A 375 39.39 -3.30 -9.25
CA TYR A 375 40.08 -2.58 -10.32
C TYR A 375 41.58 -2.72 -10.20
N GLY A 376 42.27 -2.13 -11.17
CA GLY A 376 43.72 -2.03 -11.19
C GLY A 376 44.48 -3.24 -11.67
N VAL A 377 44.25 -4.39 -11.04
CA VAL A 377 44.99 -5.61 -11.33
C VAL A 377 44.03 -6.67 -11.84
N SER A 378 44.59 -7.84 -12.15
CA SER A 378 43.80 -8.94 -12.69
C SER A 378 42.88 -9.51 -11.60
N PRO A 379 41.78 -10.18 -12.01
CA PRO A 379 40.91 -10.83 -11.03
C PRO A 379 41.67 -11.71 -10.06
N THR A 380 42.41 -12.68 -10.59
CA THR A 380 43.37 -13.41 -9.76
C THR A 380 44.43 -12.44 -9.27
N LYS A 381 44.80 -12.57 -8.00
CA LYS A 381 45.54 -11.50 -7.34
C LYS A 381 46.97 -11.36 -7.84
N LEU A 382 47.57 -12.43 -8.38
CA LEU A 382 48.98 -12.42 -8.77
C LEU A 382 49.85 -12.08 -7.56
N ASN A 383 49.87 -13.03 -6.61
CA ASN A 383 50.60 -12.83 -5.37
C ASN A 383 52.09 -12.57 -5.60
N ASP A 384 52.62 -12.97 -6.75
CA ASP A 384 54.02 -12.73 -7.07
C ASP A 384 54.23 -11.30 -7.55
N LEU A 385 53.74 -10.32 -6.77
CA LEU A 385 53.92 -8.91 -7.06
C LEU A 385 54.48 -8.22 -5.82
N CYS A 386 55.57 -7.49 -5.98
CA CYS A 386 56.23 -6.81 -4.88
C CYS A 386 55.96 -5.31 -4.99
N PHE A 387 55.37 -4.74 -3.94
CA PHE A 387 55.02 -3.33 -3.89
C PHE A 387 55.77 -2.66 -2.74
N THR A 388 55.60 -1.35 -2.65
CA THR A 388 56.03 -0.58 -1.49
C THR A 388 54.84 -0.54 -0.52
N ASN A 389 54.86 0.37 0.44
CA ASN A 389 53.81 0.44 1.45
C ASN A 389 52.41 0.49 0.82
N VAL A 390 51.47 -0.21 1.43
CA VAL A 390 50.10 -0.32 0.95
C VAL A 390 49.17 0.22 2.02
N TYR A 391 48.16 0.98 1.60
CA TYR A 391 47.22 1.62 2.50
C TYR A 391 45.91 0.86 2.51
N ALA A 392 45.35 0.64 3.70
CA ALA A 392 44.08 -0.06 3.87
C ALA A 392 43.22 0.73 4.85
N ASP A 393 42.18 1.39 4.34
CA ASP A 393 41.26 2.18 5.13
C ASP A 393 39.83 1.68 4.94
N SER A 394 39.11 1.55 6.05
CA SER A 394 37.82 0.89 6.07
C SER A 394 36.77 1.77 6.74
N PHE A 395 35.51 1.50 6.43
CA PHE A 395 34.37 2.23 6.97
C PHE A 395 33.13 1.34 6.81
N VAL A 396 31.98 1.87 7.21
CA VAL A 396 30.71 1.14 7.14
C VAL A 396 29.68 2.03 6.46
N ILE A 397 29.06 1.52 5.39
CA ILE A 397 28.09 2.27 4.62
C ILE A 397 26.86 1.40 4.40
N ARG A 398 25.89 1.95 3.67
CA ARG A 398 24.69 1.22 3.29
C ARG A 398 25.00 0.22 2.18
N GLY A 399 23.97 -0.50 1.73
CA GLY A 399 24.12 -1.36 0.57
C GLY A 399 23.91 -0.66 -0.75
N ASN A 400 23.21 0.48 -0.74
CA ASN A 400 23.00 1.23 -1.97
C ASN A 400 24.28 1.92 -2.43
N GLU A 401 25.10 2.36 -1.48
CA GLU A 401 26.27 3.18 -1.76
C GLU A 401 27.55 2.36 -1.97
N VAL A 402 27.46 1.04 -1.98
CA VAL A 402 28.64 0.22 -2.23
C VAL A 402 29.14 0.44 -3.65
N SER A 403 28.23 0.63 -4.60
CA SER A 403 28.62 0.84 -5.98
C SER A 403 29.23 2.22 -6.23
N GLN A 404 29.18 3.12 -5.24
CA GLN A 404 29.76 4.44 -5.39
C GLN A 404 31.26 4.47 -5.12
N ILE A 405 31.83 3.37 -4.63
CA ILE A 405 33.29 3.31 -4.39
C ILE A 405 33.90 2.80 -5.68
N ALA A 406 34.15 3.73 -6.60
CA ALA A 406 34.71 3.39 -7.91
C ALA A 406 35.29 4.65 -8.52
N PRO A 407 36.38 4.57 -9.27
CA PRO A 407 36.92 5.76 -9.93
C PRO A 407 35.92 6.33 -10.93
N GLY A 408 35.89 7.65 -11.02
CA GLY A 408 34.99 8.31 -11.95
C GLY A 408 33.52 8.18 -11.62
N GLN A 409 33.18 7.93 -10.36
CA GLN A 409 31.80 7.78 -9.93
C GLN A 409 31.44 8.94 -9.00
N THR A 410 30.32 9.60 -9.30
CA THR A 410 29.85 10.72 -8.51
C THR A 410 28.73 10.29 -7.57
N GLY A 411 28.19 11.25 -6.84
CA GLY A 411 27.09 10.97 -5.93
C GLY A 411 27.16 11.76 -4.65
N ASN A 412 26.55 11.25 -3.58
CA ASN A 412 26.53 11.90 -2.29
C ASN A 412 27.66 11.46 -1.38
N ILE A 413 28.30 10.32 -1.66
CA ILE A 413 29.36 9.81 -0.81
C ILE A 413 30.72 9.86 -1.48
N ALA A 414 30.78 9.94 -2.81
CA ALA A 414 32.03 10.04 -3.53
C ALA A 414 32.39 11.47 -3.88
N ASP A 415 31.72 12.44 -3.28
CA ASP A 415 32.00 13.85 -3.54
C ASP A 415 32.30 14.59 -2.24
N TYR A 416 31.74 14.11 -1.13
CA TYR A 416 31.87 14.77 0.15
C TYR A 416 32.53 13.92 1.23
N ASN A 417 32.64 12.61 1.04
CA ASN A 417 33.16 11.74 2.10
C ASN A 417 34.40 10.96 1.70
N TYR A 418 34.44 10.40 0.49
CA TYR A 418 35.56 9.56 0.10
C TYR A 418 35.63 9.52 -1.43
N LYS A 419 36.72 10.05 -1.99
CA LYS A 419 36.93 10.06 -3.43
C LYS A 419 38.19 9.28 -3.77
N LEU A 420 38.16 8.61 -4.92
CA LEU A 420 39.27 7.82 -5.40
C LEU A 420 39.84 8.41 -6.69
N PRO A 421 41.14 8.25 -6.93
CA PRO A 421 41.74 8.84 -8.13
C PRO A 421 41.23 8.18 -9.41
N ASP A 422 41.27 8.94 -10.50
CA ASP A 422 40.82 8.42 -11.78
C ASP A 422 41.76 7.33 -12.31
N ASP A 423 43.02 7.36 -11.91
CA ASP A 423 44.01 6.33 -12.27
C ASP A 423 44.25 5.37 -11.13
N PHE A 424 43.20 5.04 -10.39
CA PHE A 424 43.31 4.26 -9.16
C PHE A 424 43.93 2.89 -9.43
N THR A 425 44.92 2.52 -8.61
CA THR A 425 45.50 1.19 -8.59
C THR A 425 45.25 0.59 -7.23
N GLY A 426 44.84 -0.67 -7.20
CA GLY A 426 44.24 -1.26 -6.02
C GLY A 426 42.74 -1.37 -6.19
N CYS A 427 42.10 -1.96 -5.19
CA CYS A 427 40.67 -2.24 -5.35
C CYS A 427 40.00 -2.48 -4.00
N VAL A 428 38.73 -2.86 -4.07
CA VAL A 428 37.80 -2.75 -2.95
C VAL A 428 37.29 -4.12 -2.54
N ILE A 429 36.81 -4.20 -1.30
CA ILE A 429 36.18 -5.40 -0.76
C ILE A 429 35.00 -4.95 0.10
N ALA A 430 33.88 -5.67 0.00
CA ALA A 430 32.69 -5.34 0.78
C ALA A 430 31.90 -6.60 1.08
N TRP A 431 31.27 -6.63 2.25
CA TRP A 431 30.44 -7.76 2.64
C TRP A 431 29.35 -7.27 3.59
N ASN A 432 28.29 -8.06 3.69
CA ASN A 432 27.15 -7.70 4.53
C ASN A 432 27.40 -8.08 5.98
N SER A 433 26.91 -7.25 6.89
CA SER A 433 27.01 -7.51 8.34
C SER A 433 25.81 -6.84 9.00
N ASN A 434 24.78 -7.62 9.29
CA ASN A 434 23.57 -7.13 9.92
C ASN A 434 23.34 -7.70 11.32
N LYS A 435 23.95 -8.84 11.64
CA LYS A 435 23.80 -9.45 12.95
C LYS A 435 24.96 -9.08 13.87
N LEU A 436 25.79 -8.11 13.47
CA LEU A 436 26.95 -7.70 14.25
C LEU A 436 26.92 -6.23 14.62
N ASP A 437 26.49 -5.35 13.71
CA ASP A 437 26.49 -3.91 13.99
C ASP A 437 25.16 -3.26 13.65
N SER A 438 24.06 -3.92 14.04
CA SER A 438 22.73 -3.31 13.91
C SER A 438 21.82 -3.86 15.00
N LYS A 439 21.45 -3.01 15.96
CA LYS A 439 20.74 -3.43 17.16
C LYS A 439 19.32 -2.88 17.15
N VAL A 440 18.40 -3.63 17.76
CA VAL A 440 17.01 -3.20 17.84
C VAL A 440 16.94 -1.89 18.61
N GLY A 441 16.13 -0.95 18.11
CA GLY A 441 16.07 0.39 18.60
C GLY A 441 17.02 1.34 17.89
N GLY A 442 17.87 0.84 17.01
CA GLY A 442 18.76 1.67 16.23
C GLY A 442 20.03 2.06 16.96
N ASN A 443 21.16 1.96 16.27
CA ASN A 443 22.43 2.46 16.78
C ASN A 443 22.86 3.65 15.92
N TYR A 444 23.11 4.78 16.57
CA TYR A 444 23.42 6.03 15.88
C TYR A 444 24.89 6.40 15.98
N ASN A 445 25.77 5.40 16.10
CA ASN A 445 27.21 5.67 16.16
C ASN A 445 27.84 5.79 14.79
N TYR A 446 27.08 5.62 13.71
CA TYR A 446 27.59 5.70 12.35
C TYR A 446 27.02 6.96 11.71
N ARG A 447 27.91 7.85 11.27
CA ARG A 447 27.54 9.17 10.79
C ARG A 447 28.22 9.45 9.46
N TYR A 448 27.56 10.24 8.61
CA TYR A 448 28.12 10.59 7.32
C TYR A 448 27.89 12.08 7.06
N ARG A 449 28.74 12.64 6.20
CA ARG A 449 28.78 14.07 5.95
C ARG A 449 27.92 14.43 4.73
N LEU A 450 27.24 15.57 4.81
CA LEU A 450 26.42 16.09 3.72
C LEU A 450 26.60 17.60 3.68
N PHE A 451 26.45 18.18 2.49
CA PHE A 451 26.69 19.61 2.28
C PHE A 451 28.11 20.02 2.63
N ARG A 452 29.11 19.54 1.86
CA ARG A 452 30.50 19.88 2.13
C ARG A 452 30.96 21.19 1.51
N LYS A 453 30.16 21.78 0.61
CA LYS A 453 30.38 23.06 -0.06
C LYS A 453 31.40 22.95 -1.20
N SER A 454 32.09 21.82 -1.38
CA SER A 454 33.04 21.65 -2.46
C SER A 454 33.42 20.19 -2.60
N ASN A 455 33.39 19.67 -3.83
CA ASN A 455 33.70 18.26 -4.04
C ASN A 455 35.13 17.94 -3.60
N LEU A 456 35.29 16.81 -2.94
CA LEU A 456 36.56 16.45 -2.35
C LEU A 456 37.61 16.12 -3.42
N LYS A 457 38.85 16.47 -3.11
CA LYS A 457 39.98 15.95 -3.85
C LYS A 457 40.32 14.55 -3.33
N PRO A 458 41.02 13.73 -4.12
CA PRO A 458 41.31 12.36 -3.68
C PRO A 458 42.05 12.33 -2.34
N PHE A 459 41.58 11.48 -1.45
CA PHE A 459 42.21 11.23 -0.15
C PHE A 459 42.30 12.51 0.68
N GLU A 460 41.13 13.05 1.03
CA GLU A 460 41.01 14.17 1.95
C GLU A 460 39.90 13.86 2.94
N ARG A 461 40.12 14.22 4.21
CA ARG A 461 39.26 13.76 5.29
C ARG A 461 38.19 14.78 5.70
N ASP A 462 38.61 15.98 6.11
CA ASP A 462 37.70 17.05 6.51
C ASP A 462 36.80 16.62 7.67
N ILE A 463 37.44 16.39 8.82
CA ILE A 463 36.71 16.01 10.02
C ILE A 463 35.89 17.18 10.57
N SER A 464 36.27 18.41 10.23
CA SER A 464 35.68 19.59 10.85
C SER A 464 34.17 19.62 10.69
N THR A 465 33.48 20.00 11.76
CA THR A 465 32.02 20.08 11.80
C THR A 465 31.62 21.50 12.16
N GLU A 466 31.47 22.35 11.14
CA GLU A 466 30.95 23.70 11.30
C GLU A 466 29.70 23.84 10.44
N ILE A 467 28.72 24.62 10.93
CA ILE A 467 27.44 24.72 10.24
C ILE A 467 27.64 25.23 8.83
N TYR A 468 26.89 24.65 7.90
CA TYR A 468 27.02 24.94 6.47
C TYR A 468 26.07 26.06 6.09
N GLN A 469 26.60 27.10 5.46
CA GLN A 469 25.79 28.23 5.06
C GLN A 469 25.07 27.94 3.75
N ALA A 470 23.75 28.20 3.74
CA ALA A 470 22.92 28.03 2.55
C ALA A 470 22.10 29.31 2.39
N GLY A 471 22.66 30.29 1.69
CA GLY A 471 22.00 31.56 1.48
C GLY A 471 22.93 32.75 1.54
N ASN A 472 22.46 33.85 2.12
CA ASN A 472 23.25 35.09 2.20
C ASN A 472 23.17 35.71 3.58
N LYS A 473 23.04 34.90 4.63
CA LYS A 473 22.93 35.41 5.98
C LYS A 473 24.04 34.84 6.86
N PRO A 474 24.75 35.69 7.60
CA PRO A 474 25.87 35.20 8.41
C PRO A 474 25.45 34.46 9.67
N CYS A 475 25.14 33.17 9.56
CA CYS A 475 24.97 32.33 10.74
C CYS A 475 26.34 32.11 11.35
N ASN A 476 26.49 32.48 12.61
CA ASN A 476 27.79 32.52 13.29
C ASN A 476 27.96 31.38 14.29
N GLY A 477 27.47 30.20 13.94
CA GLY A 477 27.59 29.03 14.80
C GLY A 477 26.29 28.50 15.36
N VAL A 478 25.16 29.14 15.06
CA VAL A 478 23.85 28.69 15.49
C VAL A 478 23.12 28.15 14.26
N ALA A 479 22.59 26.94 14.38
CA ALA A 479 21.96 26.25 13.26
C ALA A 479 20.47 26.58 13.26
N GLY A 480 20.04 27.41 12.30
CA GLY A 480 18.65 27.75 12.17
C GLY A 480 18.34 28.34 10.81
N VAL A 481 17.04 28.51 10.56
CA VAL A 481 16.53 29.15 9.35
C VAL A 481 17.04 28.37 8.14
N ASN A 482 18.04 28.91 7.44
CA ASN A 482 18.64 28.25 6.28
C ASN A 482 20.10 27.89 6.50
N CYS A 483 20.48 27.56 7.72
CA CYS A 483 21.83 27.09 8.03
C CYS A 483 21.73 25.75 8.73
N TYR A 484 22.54 24.79 8.28
CA TYR A 484 22.36 23.39 8.63
C TYR A 484 23.64 22.80 9.22
N PHE A 485 23.48 21.67 9.91
CA PHE A 485 24.48 20.78 10.49
C PHE A 485 24.83 19.68 9.51
N PRO A 486 26.13 19.50 9.20
CA PRO A 486 26.51 18.67 8.05
C PRO A 486 26.46 17.16 8.28
N LEU A 487 26.30 16.68 9.50
CA LEU A 487 26.40 15.25 9.80
C LEU A 487 25.04 14.71 10.22
N GLN A 488 24.70 13.52 9.73
CA GLN A 488 23.48 12.82 10.08
C GLN A 488 23.77 11.35 10.33
N SER A 489 22.91 10.71 11.11
CA SER A 489 23.13 9.33 11.55
C SER A 489 22.35 8.35 10.69
N TYR A 490 22.98 7.20 10.42
CA TYR A 490 22.29 6.13 9.69
C TYR A 490 21.14 5.55 10.52
N GLY A 491 21.40 5.19 11.78
CA GLY A 491 20.40 4.57 12.61
C GLY A 491 20.01 3.19 12.11
N PHE A 492 20.95 2.25 12.17
CA PHE A 492 20.72 0.91 11.65
C PHE A 492 19.83 0.11 12.59
N ARG A 493 18.83 -0.56 12.03
CA ARG A 493 17.98 -1.50 12.73
C ARG A 493 17.88 -2.77 11.88
N PRO A 494 17.64 -3.92 12.51
CA PRO A 494 17.38 -5.12 11.72
C PRO A 494 16.05 -5.01 10.98
N THR A 495 15.93 -5.81 9.93
CA THR A 495 14.75 -5.83 9.07
C THR A 495 14.54 -4.50 8.35
N TYR A 496 15.59 -4.06 7.65
CA TYR A 496 15.47 -2.99 6.66
C TYR A 496 15.46 -3.50 5.23
N GLY A 497 15.94 -4.71 4.99
CA GLY A 497 16.15 -5.16 3.63
C GLY A 497 17.55 -4.85 3.13
N VAL A 498 17.93 -5.53 2.06
CA VAL A 498 19.31 -5.47 1.58
C VAL A 498 19.70 -4.04 1.19
N GLY A 499 18.74 -3.23 0.75
CA GLY A 499 19.07 -1.91 0.25
C GLY A 499 19.65 -1.00 1.32
N HIS A 500 19.04 -1.00 2.51
CA HIS A 500 19.44 -0.06 3.56
C HIS A 500 20.00 -0.80 4.76
N GLN A 501 20.85 -1.78 4.52
CA GLN A 501 21.37 -2.70 5.51
C GLN A 501 22.90 -2.56 5.58
N PRO A 502 23.49 -2.69 6.77
CA PRO A 502 24.92 -2.36 6.91
C PRO A 502 25.81 -3.21 6.03
N TYR A 503 26.88 -2.60 5.52
CA TYR A 503 27.84 -3.27 4.65
C TYR A 503 29.22 -2.75 4.99
N ARG A 504 30.03 -3.57 5.65
CA ARG A 504 31.39 -3.18 5.98
C ARG A 504 32.27 -3.20 4.74
N VAL A 505 33.00 -2.11 4.51
CA VAL A 505 33.80 -1.93 3.29
C VAL A 505 35.24 -1.64 3.69
N VAL A 506 36.17 -2.34 3.06
CA VAL A 506 37.60 -2.10 3.22
C VAL A 506 38.23 -2.08 1.83
N VAL A 507 39.14 -1.14 1.59
CA VAL A 507 39.74 -0.95 0.29
C VAL A 507 41.26 -0.97 0.43
N LEU A 508 41.94 -1.32 -0.65
CA LEU A 508 43.39 -1.41 -0.68
C LEU A 508 43.93 -0.56 -1.82
N SER A 509 44.96 0.24 -1.53
CA SER A 509 45.61 1.08 -2.53
C SER A 509 47.08 0.70 -2.60
N PHE A 510 47.53 0.33 -3.79
CA PHE A 510 48.89 -0.15 -4.00
C PHE A 510 49.78 0.98 -4.55
N GLU A 511 50.95 1.15 -3.94
CA GLU A 511 51.87 2.21 -4.30
C GLU A 511 53.22 1.60 -4.68
N LEU A 512 53.83 2.13 -5.74
CA LEU A 512 55.14 1.70 -6.22
C LEU A 512 56.02 2.91 -6.49
N LEU A 513 56.07 3.82 -5.53
CA LEU A 513 56.77 5.10 -5.70
C LEU A 513 58.23 4.92 -5.33
N HIS A 514 59.02 4.44 -6.28
CA HIS A 514 60.47 4.27 -6.16
C HIS A 514 60.78 3.47 -4.90
N ALA A 515 61.97 3.67 -4.32
CA ALA A 515 62.42 3.10 -3.05
C ALA A 515 62.52 1.58 -3.14
N PRO A 516 63.17 0.93 -2.17
CA PRO A 516 63.15 -0.54 -2.16
C PRO A 516 61.75 -1.08 -1.92
N ALA A 517 61.48 -2.24 -2.52
CA ALA A 517 60.18 -2.89 -2.39
C ALA A 517 60.17 -3.73 -1.12
N THR A 518 59.17 -3.50 -0.27
CA THR A 518 59.05 -4.18 1.02
C THR A 518 57.90 -5.17 1.07
N VAL A 519 56.68 -4.72 0.76
CA VAL A 519 55.50 -5.57 0.84
C VAL A 519 55.51 -6.56 -0.32
N CYS A 520 55.92 -7.80 -0.05
CA CYS A 520 55.98 -8.83 -1.09
C CYS A 520 55.06 -9.99 -0.75
N LEU B 36 17.33 33.18 -4.17
CA LEU B 36 17.75 31.87 -4.66
C LEU B 36 16.53 31.01 -4.97
N THR B 37 15.73 30.77 -3.93
CA THR B 37 14.48 30.00 -4.03
C THR B 37 14.73 28.56 -4.45
N GLU B 38 15.13 28.34 -5.71
CA GLU B 38 15.25 26.98 -6.23
C GLU B 38 16.38 26.23 -5.54
N GLU B 39 17.60 26.75 -5.63
CA GLU B 39 18.75 26.12 -4.99
C GLU B 39 18.68 26.18 -3.47
N ASN B 40 17.99 27.17 -2.91
CA ASN B 40 17.77 27.25 -1.47
C ASN B 40 16.72 26.26 -0.98
N ALA B 41 15.85 25.78 -1.86
CA ALA B 41 14.84 24.80 -1.49
C ALA B 41 15.34 23.38 -1.73
N LYS B 42 16.25 23.21 -2.69
CA LYS B 42 16.84 21.89 -2.92
C LYS B 42 17.57 21.42 -1.65
N THR B 43 18.31 22.31 -1.03
CA THR B 43 19.02 21.98 0.21
C THR B 43 18.04 21.64 1.32
N PHE B 44 16.95 22.40 1.43
CA PHE B 44 15.97 22.13 2.48
C PHE B 44 15.31 20.77 2.27
N LEU B 45 14.99 20.43 1.02
CA LEU B 45 14.40 19.12 0.75
C LEU B 45 15.39 18.01 1.06
N ASN B 46 16.67 18.21 0.74
CA ASN B 46 17.69 17.21 1.08
C ASN B 46 17.76 17.01 2.59
N ASN B 47 17.68 18.10 3.35
CA ASN B 47 17.64 17.98 4.81
C ASN B 47 16.41 17.22 5.27
N PHE B 48 15.24 17.57 4.71
CA PHE B 48 13.98 17.03 5.22
C PHE B 48 13.84 15.54 4.94
N ASN B 49 14.30 15.08 3.79
CA ASN B 49 14.02 13.72 3.36
C ASN B 49 14.63 12.69 4.30
N GLN B 50 15.91 12.84 4.64
N GLN B 50 15.91 12.84 4.64
CA GLN B 50 16.65 11.83 5.38
CA GLN B 50 16.65 11.83 5.38
CA GLN B 50 20.16 12.73 2.18
C GLN B 50 16.49 12.01 6.89
C GLN B 50 16.49 12.01 6.89
N GLU B 51 15.46 12.77 7.26
CA GLU B 51 15.09 12.91 8.66
C GLU B 51 13.66 12.44 8.81
N ALA B 52 12.81 12.77 7.83
CA ALA B 52 11.47 12.21 7.81
C ALA B 52 11.52 10.70 7.61
N GLU B 53 12.41 10.22 6.74
CA GLU B 53 12.51 8.79 6.49
C GLU B 53 12.90 8.00 7.73
N ASP B 54 13.53 8.62 8.72
CA ASP B 54 13.91 7.96 9.95
C ASP B 54 12.95 8.20 11.10
N LEU B 55 12.28 9.36 11.13
CA LEU B 55 11.33 9.61 12.19
C LEU B 55 9.92 9.11 11.87
N SER B 56 9.68 8.67 10.63
CA SER B 56 8.40 8.05 10.30
C SER B 56 8.44 6.52 10.33
N TYR B 57 9.64 5.92 10.38
CA TYR B 57 9.74 4.47 10.45
C TYR B 57 9.35 3.96 11.84
N GLN B 58 9.71 4.72 12.88
CA GLN B 58 9.41 4.29 14.24
C GLN B 58 7.91 4.22 14.49
N SER B 59 7.18 5.21 13.99
CA SER B 59 5.72 5.20 14.16
C SER B 59 5.09 3.99 13.47
N SER B 60 5.54 3.69 12.25
CA SER B 60 5.02 2.53 11.55
C SER B 60 5.35 1.23 12.26
N LEU B 61 6.57 1.12 12.79
CA LEU B 61 6.94 -0.09 13.52
C LEU B 61 6.11 -0.25 14.79
N ALA B 62 5.90 0.84 15.53
CA ALA B 62 5.09 0.76 16.73
C ALA B 62 3.65 0.41 16.40
N SER B 63 3.10 0.98 15.32
CA SER B 63 1.75 0.65 14.91
C SER B 63 1.63 -0.81 14.52
N TRP B 64 2.62 -1.34 13.79
CA TRP B 64 2.60 -2.75 13.43
C TRP B 64 2.66 -3.64 14.66
N ASN B 65 3.52 -3.29 15.62
CA ASN B 65 3.62 -4.09 16.84
C ASN B 65 2.30 -4.08 17.61
N TYR B 66 1.67 -2.92 17.73
CA TYR B 66 0.39 -2.84 18.43
C TYR B 66 -0.68 -3.64 17.71
N ASN B 67 -0.73 -3.55 16.37
CA ASN B 67 -1.74 -4.25 15.62
C ASN B 67 -1.57 -5.77 15.71
N THR B 68 -0.33 -6.25 15.64
CA THR B 68 -0.07 -7.68 15.71
C THR B 68 -0.01 -8.22 17.14
N ASN B 69 -0.05 -7.34 18.15
CA ASN B 69 0.00 -7.78 19.54
C ASN B 69 -0.62 -6.70 20.42
N ILE B 70 -1.81 -6.95 20.95
CA ILE B 70 -2.60 -5.94 21.64
C ILE B 70 -2.34 -6.04 23.14
N THR B 71 -1.76 -5.00 23.71
CA THR B 71 -1.45 -4.89 25.14
C THR B 71 -1.65 -3.43 25.54
N GLU B 72 -1.11 -3.06 26.71
CA GLU B 72 -1.22 -1.70 27.20
C GLU B 72 0.03 -0.86 26.95
N GLU B 73 1.21 -1.50 26.86
CA GLU B 73 2.43 -0.74 26.58
C GLU B 73 2.48 -0.30 25.12
N ASN B 74 2.02 -1.17 24.21
CA ASN B 74 2.12 -0.88 22.78
C ASN B 74 1.27 0.32 22.40
N ALA B 75 0.09 0.46 23.01
CA ALA B 75 -0.77 1.60 22.69
C ALA B 75 -0.10 2.92 23.06
N GLN B 76 0.52 2.98 24.25
CA GLN B 76 1.20 4.19 24.67
C GLN B 76 2.42 4.47 23.79
N LYS B 77 3.16 3.42 23.42
CA LYS B 77 4.30 3.62 22.52
C LYS B 77 3.85 4.19 21.18
N MET B 78 2.77 3.65 20.62
CA MET B 78 2.23 4.17 19.37
C MET B 78 1.78 5.62 19.53
N SER B 79 1.13 5.94 20.65
CA SER B 79 0.65 7.29 20.88
C SER B 79 1.79 8.29 20.93
N GLU B 80 2.91 7.93 21.56
CA GLU B 80 4.05 8.85 21.62
C GLU B 80 4.76 8.94 20.27
N ALA B 81 4.92 7.81 19.57
CA ALA B 81 5.61 7.84 18.29
C ALA B 81 4.83 8.62 17.24
N ALA B 82 3.50 8.62 17.32
CA ALA B 82 2.71 9.44 16.41
C ALA B 82 2.86 10.92 16.74
N ALA B 83 2.91 11.27 18.02
CA ALA B 83 3.02 12.67 18.42
C ALA B 83 4.34 13.27 17.97
N LYS B 84 5.43 12.51 18.10
CA LYS B 84 6.73 13.03 17.66
C LYS B 84 6.71 13.36 16.16
N TRP B 85 6.20 12.43 15.35
CA TRP B 85 6.13 12.66 13.91
C TRP B 85 5.21 13.82 13.57
N SER B 86 4.10 13.95 14.28
CA SER B 86 3.18 15.07 14.01
C SER B 86 3.85 16.41 14.29
N ALA B 87 4.56 16.51 15.42
CA ALA B 87 5.23 17.77 15.75
C ALA B 87 6.31 18.10 14.71
N PHE B 88 7.11 17.10 14.33
CA PHE B 88 8.15 17.35 13.33
C PHE B 88 7.56 17.76 11.99
N TYR B 89 6.48 17.11 11.55
CA TYR B 89 5.85 17.47 10.29
C TYR B 89 5.27 18.88 10.36
N GLU B 90 4.69 19.26 11.50
CA GLU B 90 4.18 20.62 11.66
C GLU B 90 5.30 21.64 11.50
N GLU B 91 6.43 21.40 12.17
CA GLU B 91 7.54 22.35 12.08
C GLU B 91 8.07 22.44 10.65
N GLN B 92 8.22 21.30 9.98
CA GLN B 92 8.75 21.33 8.62
C GLN B 92 7.78 22.01 7.65
N SER B 93 6.49 21.79 7.82
CA SER B 93 5.52 22.46 6.95
C SER B 93 5.54 23.97 7.17
N LYS B 94 5.63 24.41 8.43
CA LYS B 94 5.73 25.85 8.68
C LYS B 94 6.98 26.43 8.06
N THR B 95 8.11 25.72 8.16
CA THR B 95 9.34 26.22 7.55
C THR B 95 9.22 26.29 6.03
N ALA B 96 8.60 25.28 5.42
CA ALA B 96 8.53 25.22 3.96
C ALA B 96 7.50 26.15 3.36
N GLN B 97 6.50 26.59 4.13
CA GLN B 97 5.42 27.39 3.55
C GLN B 97 5.90 28.69 2.89
N SER B 98 6.99 29.29 3.37
CA SER B 98 7.44 30.58 2.88
C SER B 98 8.56 30.40 1.86
N PHE B 99 8.20 29.89 0.67
CA PHE B 99 9.16 29.70 -0.41
C PHE B 99 8.62 30.20 -1.75
N SER B 100 7.70 31.16 -1.72
CA SER B 100 7.18 31.81 -2.93
C SER B 100 6.49 30.83 -3.87
N LEU B 101 7.23 30.32 -4.86
CA LEU B 101 6.76 29.43 -5.93
C LEU B 101 5.93 30.16 -6.99
N GLN B 102 6.13 31.46 -7.17
CA GLN B 102 5.37 32.20 -8.17
C GLN B 102 5.68 31.66 -9.57
N GLU B 103 6.92 31.87 -10.04
CA GLU B 103 7.44 31.19 -11.23
C GLU B 103 8.93 30.93 -10.99
N ILE B 104 9.23 29.80 -10.34
CA ILE B 104 10.59 29.38 -10.02
C ILE B 104 10.60 27.86 -9.99
N GLN B 105 11.80 27.27 -9.91
CA GLN B 105 12.01 25.85 -9.63
C GLN B 105 11.63 24.95 -10.80
N THR B 106 12.14 23.71 -10.76
CA THR B 106 11.80 22.63 -11.68
C THR B 106 10.51 21.97 -11.23
N PRO B 107 9.83 21.26 -12.15
CA PRO B 107 8.54 20.65 -11.77
C PRO B 107 8.64 19.67 -10.61
N ILE B 108 9.72 18.88 -10.52
CA ILE B 108 9.84 17.91 -9.44
C ILE B 108 9.93 18.63 -8.10
N ILE B 109 10.76 19.66 -8.02
CA ILE B 109 10.89 20.43 -6.78
C ILE B 109 9.57 21.11 -6.45
N LYS B 110 8.87 21.62 -7.46
CA LYS B 110 7.59 22.27 -7.22
C LYS B 110 6.57 21.30 -6.64
N ARG B 111 6.49 20.09 -7.20
CA ARG B 111 5.56 19.09 -6.68
C ARG B 111 5.91 18.70 -5.25
N GLN B 112 7.20 18.44 -4.98
CA GLN B 112 7.59 18.06 -3.63
C GLN B 112 7.27 19.17 -2.64
N LEU B 113 7.58 20.41 -2.99
CA LEU B 113 7.42 21.51 -2.04
C LEU B 113 5.95 21.85 -1.84
N GLN B 114 5.11 21.73 -2.87
CA GLN B 114 3.68 21.95 -2.67
C GLN B 114 3.07 20.84 -1.81
N ALA B 115 3.52 19.60 -2.02
CA ALA B 115 3.03 18.51 -1.17
C ALA B 115 3.42 18.73 0.28
N LEU B 116 4.64 19.21 0.52
CA LEU B 116 5.05 19.54 1.88
C LEU B 116 4.24 20.70 2.44
N GLN B 117 3.97 21.72 1.62
CA GLN B 117 3.30 22.92 2.09
C GLN B 117 1.84 22.66 2.44
N GLN B 118 1.18 21.74 1.75
CA GLN B 118 -0.27 21.59 1.88
C GLN B 118 -0.73 21.31 3.32
N SER B 119 0.18 20.92 4.21
CA SER B 119 -0.12 20.74 5.63
C SER B 119 -1.25 19.76 5.87
N GLY B 120 -2.45 20.27 6.16
CA GLY B 120 -3.61 19.42 6.35
C GLY B 120 -4.05 19.24 7.79
N SER B 121 -3.80 18.05 8.35
CA SER B 121 -4.33 17.69 9.65
C SER B 121 -3.57 18.31 10.81
N SER B 122 -2.44 18.97 10.56
CA SER B 122 -1.63 19.54 11.62
C SER B 122 -1.83 21.05 11.78
N ALA B 123 -2.85 21.62 11.13
CA ALA B 123 -3.15 23.04 11.27
C ALA B 123 -4.17 23.32 12.35
N LEU B 124 -4.24 22.47 13.38
CA LEU B 124 -5.17 22.64 14.49
C LEU B 124 -4.39 22.91 15.77
N SER B 125 -5.07 23.55 16.72
CA SER B 125 -4.47 23.78 18.02
C SER B 125 -4.45 22.47 18.82
N ALA B 126 -3.76 22.52 19.97
CA ALA B 126 -3.60 21.31 20.78
C ALA B 126 -4.93 20.79 21.28
N ASP B 127 -5.84 21.69 21.66
CA ASP B 127 -7.15 21.26 22.17
C ASP B 127 -7.91 20.46 21.11
N LYS B 128 -8.03 21.01 19.91
CA LYS B 128 -8.73 20.32 18.84
C LYS B 128 -8.02 19.03 18.47
N ASN B 129 -6.69 19.06 18.43
CA ASN B 129 -5.93 17.86 18.06
C ASN B 129 -6.18 16.73 19.05
N LYS B 130 -6.12 17.03 20.35
CA LYS B 130 -6.32 15.98 21.35
C LYS B 130 -7.76 15.50 21.37
N GLN B 131 -8.72 16.40 21.16
CA GLN B 131 -10.12 15.97 21.09
C GLN B 131 -10.35 15.04 19.90
N LEU B 132 -9.79 15.38 18.74
CA LEU B 132 -9.94 14.52 17.57
C LEU B 132 -9.26 13.18 17.80
N ASN B 133 -8.07 13.18 18.41
CA ASN B 133 -7.36 11.93 18.66
C ASN B 133 -8.14 11.03 19.61
N THR B 134 -8.69 11.58 20.69
CA THR B 134 -9.44 10.75 21.62
C THR B 134 -10.76 10.28 21.02
N ILE B 135 -11.38 11.10 20.16
CA ILE B 135 -12.59 10.66 19.46
C ILE B 135 -12.28 9.47 18.56
N LEU B 136 -11.17 9.55 17.80
CA LEU B 136 -10.79 8.44 16.93
C LEU B 136 -10.47 7.20 17.74
N ASN B 137 -9.76 7.35 18.86
CA ASN B 137 -9.44 6.20 19.70
C ASN B 137 -10.70 5.56 20.26
N THR B 138 -11.67 6.37 20.67
CA THR B 138 -12.91 5.81 21.19
C THR B 138 -13.71 5.10 20.09
N MET B 139 -13.72 5.67 18.88
CA MET B 139 -14.29 4.98 17.73
C MET B 139 -13.68 3.60 17.55
N SER B 140 -12.34 3.53 17.54
CA SER B 140 -11.66 2.27 17.32
C SER B 140 -11.98 1.27 18.44
N THR B 141 -11.99 1.73 19.69
CA THR B 141 -12.27 0.84 20.80
C THR B 141 -13.69 0.29 20.73
N ILE B 142 -14.66 1.15 20.41
CA ILE B 142 -16.04 0.68 20.32
C ILE B 142 -16.20 -0.31 19.17
N TYR B 143 -15.63 0.00 18.00
CA TYR B 143 -15.85 -0.85 16.84
C TYR B 143 -15.11 -2.18 16.96
N SER B 144 -13.94 -2.19 17.61
CA SER B 144 -13.12 -3.40 17.64
C SER B 144 -13.79 -4.52 18.42
N THR B 145 -14.41 -4.21 19.56
CA THR B 145 -14.94 -5.20 20.47
C THR B 145 -16.46 -5.08 20.63
N GLY B 146 -17.17 -4.83 19.53
CA GLY B 146 -18.61 -4.89 19.57
C GLY B 146 -19.12 -6.31 19.71
N LYS B 147 -20.21 -6.47 20.45
CA LYS B 147 -20.71 -7.81 20.75
C LYS B 147 -22.23 -7.79 20.81
N VAL B 148 -22.83 -8.93 20.43
CA VAL B 148 -24.26 -9.18 20.59
C VAL B 148 -24.43 -10.57 21.17
N CYS B 149 -25.59 -10.81 21.75
CA CYS B 149 -25.85 -12.04 22.48
C CYS B 149 -27.09 -12.74 21.92
N ASN B 150 -27.07 -14.07 22.00
CA ASN B 150 -28.20 -14.87 21.54
C ASN B 150 -29.40 -14.68 22.46
N PRO B 151 -30.57 -14.34 21.93
CA PRO B 151 -31.73 -14.12 22.81
C PRO B 151 -32.14 -15.34 23.62
N LYS B 152 -32.00 -16.54 23.04
CA LYS B 152 -32.35 -17.75 23.76
C LYS B 152 -31.29 -18.10 24.81
N ASN B 153 -30.01 -17.89 24.49
CA ASN B 153 -28.92 -18.17 25.42
C ASN B 153 -28.17 -16.87 25.71
N PRO B 154 -28.48 -16.18 26.81
CA PRO B 154 -27.81 -14.91 27.08
C PRO B 154 -26.32 -15.05 27.34
N GLN B 155 -25.87 -16.21 27.82
CA GLN B 155 -24.45 -16.38 28.15
C GLN B 155 -23.57 -16.29 26.91
N GLU B 156 -24.00 -16.91 25.81
CA GLU B 156 -23.17 -16.95 24.61
C GLU B 156 -23.29 -15.65 23.83
N CYS B 157 -22.29 -14.78 23.96
CA CYS B 157 -22.25 -13.52 23.24
C CYS B 157 -21.07 -13.56 22.26
N LEU B 158 -21.35 -13.21 21.01
CA LEU B 158 -20.40 -13.39 19.93
C LEU B 158 -19.95 -12.05 19.37
N LEU B 159 -18.68 -12.00 18.94
CA LEU B 159 -18.14 -10.84 18.25
C LEU B 159 -18.55 -10.89 16.78
N LEU B 160 -17.98 -10.03 15.96
CA LEU B 160 -18.30 -10.04 14.54
C LEU B 160 -17.35 -10.90 13.72
N GLU B 161 -16.05 -10.84 14.01
CA GLU B 161 -15.09 -11.59 13.21
C GLU B 161 -15.31 -13.09 13.28
N PRO B 162 -15.39 -13.74 14.46
CA PRO B 162 -15.62 -15.19 14.47
C PRO B 162 -17.08 -15.59 14.62
N GLY B 163 -17.93 -14.67 15.03
CA GLY B 163 -19.29 -15.02 15.40
C GLY B 163 -20.37 -14.63 14.41
N LEU B 164 -20.27 -13.44 13.83
CA LEU B 164 -21.31 -12.94 12.93
C LEU B 164 -20.95 -13.08 11.46
N ASP B 165 -19.65 -13.12 11.13
CA ASP B 165 -19.25 -13.32 9.74
C ASP B 165 -19.73 -14.67 9.23
N GLU B 166 -19.54 -15.72 10.03
CA GLU B 166 -20.00 -17.05 9.63
C GLU B 166 -21.51 -17.09 9.48
N ILE B 167 -22.24 -16.44 10.40
CA ILE B 167 -23.70 -16.42 10.31
C ILE B 167 -24.14 -15.73 9.03
N MET B 168 -23.62 -14.54 8.77
CA MET B 168 -24.00 -13.81 7.56
C MET B 168 -23.55 -14.52 6.29
N ALA B 169 -22.52 -15.36 6.37
CA ALA B 169 -22.04 -16.04 5.17
C ALA B 169 -22.84 -17.30 4.87
N THR B 170 -23.09 -18.15 5.87
CA THR B 170 -23.65 -19.47 5.63
C THR B 170 -25.03 -19.71 6.22
N SER B 171 -25.45 -18.94 7.22
CA SER B 171 -26.72 -19.21 7.89
C SER B 171 -27.88 -19.12 6.91
N THR B 172 -28.76 -20.13 6.96
CA THR B 172 -29.87 -20.24 6.04
C THR B 172 -31.23 -20.01 6.71
N ASP B 173 -31.24 -19.51 7.94
CA ASP B 173 -32.48 -19.22 8.65
C ASP B 173 -32.77 -17.72 8.53
N TYR B 174 -33.93 -17.39 7.95
CA TYR B 174 -34.28 -16.00 7.72
C TYR B 174 -34.41 -15.24 9.03
N ASN B 175 -35.10 -15.83 10.01
CA ASN B 175 -35.28 -15.17 11.29
C ASN B 175 -33.95 -14.98 12.01
N SER B 176 -33.06 -15.98 11.94
CA SER B 176 -31.77 -15.86 12.59
C SER B 176 -30.91 -14.78 11.93
N ARG B 177 -30.94 -14.70 10.60
CA ARG B 177 -30.21 -13.65 9.91
C ARG B 177 -30.74 -12.28 10.27
N LEU B 178 -32.08 -12.14 10.35
CA LEU B 178 -32.66 -10.88 10.77
C LEU B 178 -32.27 -10.55 12.20
N TRP B 179 -32.22 -11.56 13.07
CA TRP B 179 -31.79 -11.33 14.45
C TRP B 179 -30.36 -10.80 14.50
N ALA B 180 -29.45 -11.43 13.76
CA ALA B 180 -28.06 -10.98 13.79
C ALA B 180 -27.93 -9.57 13.24
N TRP B 181 -28.62 -9.27 12.14
CA TRP B 181 -28.59 -7.93 11.57
C TRP B 181 -29.12 -6.90 12.57
N GLU B 182 -30.25 -7.19 13.20
CA GLU B 182 -30.85 -6.25 14.14
C GLU B 182 -29.95 -6.07 15.36
N GLY B 183 -29.35 -7.14 15.86
CA GLY B 183 -28.47 -7.02 17.00
C GLY B 183 -27.25 -6.16 16.70
N TRP B 184 -26.62 -6.38 15.55
CA TRP B 184 -25.45 -5.58 15.21
C TRP B 184 -25.83 -4.13 14.96
N ARG B 185 -26.99 -3.88 14.36
CA ARG B 185 -27.42 -2.51 14.14
C ARG B 185 -27.89 -1.83 15.42
N ALA B 186 -28.27 -2.59 16.44
CA ALA B 186 -28.78 -2.00 17.67
C ALA B 186 -27.72 -1.84 18.74
N GLU B 187 -26.65 -2.62 18.72
CA GLU B 187 -25.61 -2.47 19.73
C GLU B 187 -24.63 -1.36 19.37
N VAL B 188 -23.93 -1.50 18.25
CA VAL B 188 -22.90 -0.53 17.88
C VAL B 188 -23.53 0.80 17.48
N GLY B 189 -24.66 0.76 16.78
CA GLY B 189 -25.27 1.98 16.30
C GLY B 189 -25.66 2.95 17.41
N LYS B 190 -25.94 2.42 18.60
CA LYS B 190 -26.23 3.29 19.74
C LYS B 190 -25.02 4.13 20.14
N GLN B 191 -23.83 3.54 20.09
CA GLN B 191 -22.65 4.09 20.74
C GLN B 191 -21.79 4.94 19.80
N LEU B 192 -22.22 5.19 18.57
CA LEU B 192 -21.40 5.92 17.61
C LEU B 192 -22.02 7.23 17.11
N ARG B 193 -23.29 7.51 17.43
CA ARG B 193 -23.92 8.71 16.89
C ARG B 193 -23.28 10.00 17.39
N PRO B 194 -23.17 10.25 18.70
CA PRO B 194 -22.54 11.51 19.15
C PRO B 194 -21.08 11.61 18.75
N LEU B 195 -20.38 10.47 18.76
CA LEU B 195 -18.99 10.47 18.33
C LEU B 195 -18.86 10.89 16.88
N TYR B 196 -19.74 10.38 16.01
CA TYR B 196 -19.69 10.76 14.61
C TYR B 196 -20.05 12.22 14.42
N GLU B 197 -21.02 12.73 15.21
CA GLU B 197 -21.37 14.14 15.14
C GLU B 197 -20.16 15.02 15.46
N GLU B 198 -19.51 14.74 16.60
CA GLU B 198 -18.35 15.55 16.99
C GLU B 198 -17.22 15.39 15.98
N TYR B 199 -17.03 14.18 15.46
CA TYR B 199 -15.94 13.93 14.52
C TYR B 199 -16.14 14.70 13.23
N VAL B 200 -17.36 14.68 12.68
CA VAL B 200 -17.61 15.40 11.44
C VAL B 200 -17.51 16.90 11.67
N VAL B 201 -17.96 17.39 12.83
CA VAL B 201 -17.84 18.81 13.13
C VAL B 201 -16.36 19.22 13.12
N LEU B 202 -15.52 18.47 13.83
CA LEU B 202 -14.10 18.80 13.89
C LEU B 202 -13.45 18.69 12.50
N LYS B 203 -13.85 17.70 11.71
CA LYS B 203 -13.25 17.53 10.39
C LYS B 203 -13.61 18.69 9.46
N ASN B 204 -14.88 19.12 9.47
CA ASN B 204 -15.23 20.28 8.66
C ASN B 204 -14.50 21.53 9.13
N GLU B 205 -14.34 21.70 10.44
CA GLU B 205 -13.61 22.86 10.93
C GLU B 205 -12.15 22.84 10.48
N MET B 206 -11.51 21.67 10.57
CA MET B 206 -10.12 21.54 10.13
C MET B 206 -9.98 21.81 8.64
N ALA B 207 -10.89 21.26 7.83
CA ALA B 207 -10.83 21.49 6.39
C ALA B 207 -11.05 22.95 6.05
N ARG B 208 -11.96 23.62 6.75
CA ARG B 208 -12.15 25.05 6.54
C ARG B 208 -10.89 25.82 6.90
N ALA B 209 -10.21 25.41 7.97
CA ALA B 209 -8.96 26.07 8.35
C ALA B 209 -7.85 25.81 7.34
N ASN B 210 -7.92 24.69 6.61
CA ASN B 210 -6.89 24.33 5.64
C ASN B 210 -7.16 24.92 4.25
N ASN B 211 -7.90 26.03 4.17
CA ASN B 211 -8.19 26.69 2.90
C ASN B 211 -8.94 25.78 1.93
N TYR B 212 -9.83 24.94 2.48
CA TYR B 212 -10.70 24.10 1.69
C TYR B 212 -12.16 24.38 2.05
N ASN B 213 -13.05 24.07 1.11
CA ASN B 213 -14.48 24.33 1.34
C ASN B 213 -15.01 23.45 2.46
N ASP B 214 -14.70 22.15 2.42
CA ASP B 214 -15.12 21.22 3.46
C ASP B 214 -14.25 19.97 3.35
N TYR B 215 -14.48 19.03 4.28
CA TYR B 215 -13.67 17.82 4.29
C TYR B 215 -14.01 16.92 3.10
N GLY B 216 -15.21 17.04 2.56
CA GLY B 216 -15.50 16.41 1.28
C GLY B 216 -14.62 16.94 0.16
N ASP B 217 -14.41 18.26 0.13
CA ASP B 217 -13.48 18.82 -0.84
C ASP B 217 -12.04 18.40 -0.54
N TYR B 218 -11.71 18.23 0.74
CA TYR B 218 -10.39 17.70 1.09
C TYR B 218 -10.18 16.31 0.51
N TRP B 219 -11.20 15.45 0.61
CA TRP B 219 -11.13 14.14 -0.01
C TRP B 219 -11.07 14.24 -1.53
N ARG B 220 -11.87 15.12 -2.12
CA ARG B 220 -11.93 15.22 -3.58
C ARG B 220 -10.69 15.88 -4.18
N GLY B 221 -9.86 16.53 -3.36
CA GLY B 221 -8.70 17.23 -3.88
C GLY B 221 -7.58 16.33 -4.35
N ASP B 222 -7.69 15.02 -4.12
CA ASP B 222 -6.67 14.09 -4.59
C ASP B 222 -6.65 13.96 -6.11
N TYR B 223 -7.75 14.29 -6.78
CA TYR B 223 -7.85 14.14 -8.22
C TYR B 223 -7.48 15.40 -8.99
N GLU B 224 -7.07 16.47 -8.31
CA GLU B 224 -6.66 17.68 -9.00
C GLU B 224 -5.27 17.50 -9.57
N ALA B 225 -5.17 17.49 -10.90
CA ALA B 225 -3.90 17.33 -11.60
C ALA B 225 -3.62 18.59 -12.39
N GLU B 226 -2.43 19.17 -12.21
CA GLU B 226 -2.05 20.38 -12.89
C GLU B 226 -0.54 20.36 -13.08
N GLY B 227 -0.09 19.90 -14.24
CA GLY B 227 1.33 19.84 -14.52
C GLY B 227 1.72 20.38 -15.89
N ALA B 228 0.74 20.60 -16.75
CA ALA B 228 0.99 21.08 -18.12
C ALA B 228 -0.34 21.53 -18.71
N ASP B 229 -0.34 21.82 -20.00
CA ASP B 229 -1.56 22.14 -20.74
C ASP B 229 -2.06 20.88 -21.43
N GLY B 230 -3.31 20.52 -21.15
CA GLY B 230 -3.86 19.27 -21.62
C GLY B 230 -3.93 18.25 -20.50
N TYR B 231 -2.91 18.23 -19.65
CA TYR B 231 -2.89 17.38 -18.46
C TYR B 231 -3.46 18.11 -17.25
N ASN B 232 -4.68 18.63 -17.39
CA ASN B 232 -5.29 19.44 -16.35
C ASN B 232 -6.57 18.79 -15.84
N TYR B 233 -6.85 19.02 -14.55
CA TYR B 233 -8.06 18.51 -13.94
C TYR B 233 -8.46 19.45 -12.81
N ASN B 234 -9.72 19.38 -12.42
CA ASN B 234 -10.27 20.25 -11.39
C ASN B 234 -11.00 19.43 -10.34
N ARG B 235 -11.02 19.94 -9.11
CA ARG B 235 -11.75 19.26 -8.04
C ARG B 235 -13.25 19.25 -8.30
N ASN B 236 -13.77 20.30 -8.94
CA ASN B 236 -15.19 20.42 -9.20
C ASN B 236 -15.69 19.44 -10.26
N GLN B 237 -14.81 18.94 -11.13
CA GLN B 237 -15.23 18.11 -12.25
C GLN B 237 -15.35 16.64 -11.90
N LEU B 238 -14.97 16.23 -10.69
CA LEU B 238 -15.03 14.81 -10.35
C LEU B 238 -16.46 14.33 -10.22
N ILE B 239 -17.33 15.14 -9.60
CA ILE B 239 -18.70 14.69 -9.32
C ILE B 239 -19.48 14.53 -10.63
N GLU B 240 -19.23 15.39 -11.61
CA GLU B 240 -20.00 15.32 -12.85
C GLU B 240 -19.56 14.14 -13.71
N ASP B 241 -18.38 13.57 -13.45
CA ASP B 241 -17.96 12.36 -14.14
C ASP B 241 -18.51 11.09 -13.52
N VAL B 242 -19.11 11.16 -12.33
CA VAL B 242 -19.59 9.98 -11.65
C VAL B 242 -20.89 9.50 -12.29
N GLU B 243 -21.90 10.38 -12.32
CA GLU B 243 -23.16 10.01 -12.94
C GLU B 243 -23.07 9.87 -14.45
N ARG B 244 -21.99 10.39 -15.05
CA ARG B 244 -21.78 10.24 -16.48
C ARG B 244 -21.38 8.81 -16.78
N THR B 245 -21.01 8.06 -15.74
CA THR B 245 -20.70 6.64 -15.88
C THR B 245 -21.62 5.74 -15.08
N PHE B 246 -22.50 6.28 -14.25
CA PHE B 246 -23.45 5.47 -13.48
C PHE B 246 -24.67 5.11 -14.32
N ALA B 247 -25.21 6.10 -15.03
CA ALA B 247 -26.40 5.90 -15.85
C ALA B 247 -26.17 4.85 -16.93
N GLU B 248 -24.95 4.79 -17.46
CA GLU B 248 -24.60 3.82 -18.49
C GLU B 248 -24.43 2.43 -17.89
N ILE B 249 -24.25 2.36 -16.57
CA ILE B 249 -24.20 1.10 -15.86
C ILE B 249 -25.53 0.78 -15.17
N LYS B 250 -26.40 1.77 -14.98
CA LYS B 250 -27.68 1.55 -14.31
C LYS B 250 -28.53 0.45 -14.94
N PRO B 251 -28.76 0.41 -16.27
CA PRO B 251 -29.64 -0.65 -16.79
C PRO B 251 -28.99 -2.02 -16.84
N LEU B 252 -27.66 -2.10 -16.74
CA LEU B 252 -27.02 -3.41 -16.59
C LEU B 252 -27.28 -3.99 -15.20
N TYR B 253 -27.34 -3.14 -14.18
CA TYR B 253 -27.59 -3.62 -12.82
C TYR B 253 -29.05 -4.02 -12.64
N GLU B 254 -29.97 -3.35 -13.33
CA GLU B 254 -31.40 -3.63 -13.14
C GLU B 254 -31.73 -5.06 -13.54
N HIS B 255 -31.16 -5.54 -14.65
CA HIS B 255 -31.41 -6.91 -15.08
C HIS B 255 -30.75 -7.91 -14.15
N LEU B 256 -29.62 -7.55 -13.55
CA LEU B 256 -28.97 -8.44 -12.59
C LEU B 256 -29.74 -8.47 -11.26
N HIS B 257 -30.26 -7.30 -10.83
CA HIS B 257 -31.03 -7.26 -9.59
C HIS B 257 -32.31 -8.06 -9.70
N ALA B 258 -32.99 -7.97 -10.84
CA ALA B 258 -34.27 -8.67 -11.00
C ALA B 258 -34.08 -10.17 -11.04
N TYR B 259 -33.05 -10.64 -11.76
CA TYR B 259 -32.83 -12.08 -11.89
C TYR B 259 -32.55 -12.73 -10.55
N VAL B 260 -31.75 -12.09 -9.71
CA VAL B 260 -31.47 -12.61 -8.38
C VAL B 260 -32.74 -12.68 -7.55
N ARG B 261 -33.56 -11.63 -7.61
CA ARG B 261 -34.78 -11.60 -6.81
C ARG B 261 -35.74 -12.71 -7.21
N ARG B 262 -35.90 -12.95 -8.52
CA ARG B 262 -36.73 -14.06 -8.96
C ARG B 262 -36.13 -15.40 -8.54
N LYS B 263 -34.80 -15.50 -8.54
CA LYS B 263 -34.14 -16.71 -8.06
C LYS B 263 -34.33 -16.89 -6.57
N LEU B 264 -34.32 -15.80 -5.81
CA LEU B 264 -34.56 -15.85 -4.37
C LEU B 264 -36.03 -15.98 -4.01
N MET B 265 -36.92 -16.02 -5.00
CA MET B 265 -38.33 -16.24 -4.72
C MET B 265 -38.56 -17.61 -4.08
N ASP B 266 -37.86 -18.63 -4.57
CA ASP B 266 -38.07 -19.99 -4.09
C ASP B 266 -37.20 -20.34 -2.89
N THR B 267 -36.15 -19.56 -2.63
CA THR B 267 -35.28 -19.84 -1.49
C THR B 267 -36.02 -19.71 -0.18
N TYR B 268 -36.76 -18.60 0.00
CA TYR B 268 -37.61 -18.38 1.16
C TYR B 268 -38.98 -18.00 0.62
N PRO B 269 -39.80 -18.98 0.22
CA PRO B 269 -41.01 -18.65 -0.56
C PRO B 269 -41.94 -17.67 0.14
N SER B 270 -42.11 -17.79 1.45
CA SER B 270 -42.95 -16.82 2.16
C SER B 270 -42.25 -15.48 2.32
N TYR B 271 -40.96 -15.49 2.64
CA TYR B 271 -40.23 -14.26 2.98
C TYR B 271 -39.55 -13.66 1.75
N ILE B 272 -40.37 -13.39 0.74
CA ILE B 272 -39.94 -12.62 -0.43
C ILE B 272 -41.15 -12.06 -1.14
N SER B 273 -41.10 -10.79 -1.52
CA SER B 273 -42.18 -10.15 -2.26
C SER B 273 -41.68 -9.80 -3.64
N PRO B 274 -42.02 -10.58 -4.67
CA PRO B 274 -41.53 -10.25 -6.03
C PRO B 274 -41.97 -8.88 -6.49
N THR B 275 -43.15 -8.42 -6.08
CA THR B 275 -43.57 -7.06 -6.37
C THR B 275 -42.98 -6.10 -5.33
N GLY B 276 -41.67 -6.14 -5.16
CA GLY B 276 -41.03 -5.30 -4.16
C GLY B 276 -39.52 -5.46 -4.23
N CYS B 277 -38.85 -4.76 -3.31
CA CYS B 277 -37.40 -4.77 -3.25
C CYS B 277 -36.89 -6.04 -2.56
N LEU B 278 -35.58 -6.06 -2.25
CA LEU B 278 -34.97 -7.19 -1.59
C LEU B 278 -34.69 -6.87 -0.12
N PRO B 279 -34.73 -7.88 0.75
CA PRO B 279 -34.38 -7.65 2.15
C PRO B 279 -32.93 -7.24 2.30
N ALA B 280 -32.66 -6.39 3.30
CA ALA B 280 -31.33 -5.82 3.46
C ALA B 280 -30.37 -6.76 4.16
N HIS B 281 -30.87 -7.81 4.83
CA HIS B 281 -30.01 -8.73 5.56
C HIS B 281 -29.71 -10.02 4.81
N LEU B 282 -30.52 -10.38 3.83
CA LEU B 282 -30.24 -11.56 2.99
C LEU B 282 -29.43 -11.17 1.75
N LEU B 283 -28.30 -10.49 1.97
CA LEU B 283 -27.47 -10.00 0.87
C LEU B 283 -26.07 -10.61 0.88
N GLY B 284 -25.84 -11.66 1.67
CA GLY B 284 -24.56 -12.34 1.68
C GLY B 284 -23.54 -11.78 2.67
N ASP B 285 -23.84 -10.67 3.33
CA ASP B 285 -22.94 -10.07 4.30
C ASP B 285 -23.77 -9.38 5.38
N MET B 286 -23.09 -8.66 6.27
CA MET B 286 -23.80 -7.88 7.27
C MET B 286 -24.51 -6.68 6.65
N TRP B 287 -23.85 -6.01 5.71
CA TRP B 287 -24.44 -4.91 4.98
C TRP B 287 -24.76 -5.23 3.53
N GLY B 288 -24.03 -6.16 2.93
CA GLY B 288 -24.22 -6.52 1.54
C GLY B 288 -23.20 -5.94 0.59
N ARG B 289 -21.96 -5.73 1.02
CA ARG B 289 -20.95 -5.12 0.15
C ARG B 289 -20.67 -6.01 -1.06
N PHE B 290 -20.53 -7.31 -0.82
CA PHE B 290 -20.28 -8.28 -1.88
C PHE B 290 -21.38 -9.34 -1.85
N TRP B 291 -22.03 -9.55 -2.99
CA TRP B 291 -23.07 -10.56 -3.12
C TRP B 291 -22.52 -11.92 -3.55
N THR B 292 -21.23 -12.17 -3.31
CA THR B 292 -20.61 -13.41 -3.78
C THR B 292 -21.22 -14.63 -3.11
N ASN B 293 -21.64 -14.49 -1.85
CA ASN B 293 -22.24 -15.62 -1.14
C ASN B 293 -23.58 -16.04 -1.71
N LEU B 294 -24.20 -15.23 -2.57
CA LEU B 294 -25.47 -15.57 -3.20
C LEU B 294 -25.31 -16.47 -4.42
N TYR B 295 -24.09 -16.76 -4.84
CA TYR B 295 -23.89 -17.54 -6.06
C TYR B 295 -24.47 -18.95 -5.96
N PRO B 296 -24.24 -19.73 -4.90
CA PRO B 296 -24.89 -21.05 -4.83
C PRO B 296 -26.40 -20.97 -4.78
N LEU B 297 -26.97 -19.86 -4.33
CA LEU B 297 -28.41 -19.66 -4.31
C LEU B 297 -28.93 -18.99 -5.58
N THR B 298 -28.05 -18.68 -6.54
CA THR B 298 -28.46 -18.08 -7.80
C THR B 298 -27.77 -18.73 -9.00
N VAL B 299 -27.19 -19.91 -8.83
CA VAL B 299 -26.44 -20.54 -9.91
C VAL B 299 -27.41 -20.98 -11.01
N PRO B 300 -27.09 -20.78 -12.30
CA PRO B 300 -27.97 -21.27 -13.36
C PRO B 300 -27.98 -22.78 -13.48
N PHE B 301 -26.79 -23.38 -13.54
CA PHE B 301 -26.61 -24.81 -13.73
C PHE B 301 -26.16 -25.45 -12.44
N ALA B 302 -26.77 -26.60 -12.10
CA ALA B 302 -26.37 -27.38 -10.95
C ALA B 302 -25.69 -28.68 -11.33
N GLN B 303 -25.74 -29.09 -12.59
CA GLN B 303 -25.15 -30.36 -13.00
C GLN B 303 -23.67 -30.23 -13.31
N LYS B 304 -23.26 -29.10 -13.89
CA LYS B 304 -21.86 -28.94 -14.28
C LYS B 304 -20.96 -28.84 -13.04
N PRO B 305 -19.69 -29.21 -13.17
CA PRO B 305 -18.76 -29.04 -12.06
C PRO B 305 -18.74 -27.61 -11.55
N ASN B 306 -18.85 -27.46 -10.23
CA ASN B 306 -18.90 -26.14 -9.63
C ASN B 306 -17.54 -25.48 -9.68
N ILE B 307 -17.50 -24.24 -10.19
CA ILE B 307 -16.23 -23.52 -10.29
C ILE B 307 -15.74 -23.07 -8.94
N ASP B 308 -16.58 -23.12 -7.91
CA ASP B 308 -16.15 -22.81 -6.55
C ASP B 308 -15.27 -23.95 -6.05
N VAL B 309 -13.96 -23.71 -5.99
CA VAL B 309 -13.00 -24.78 -5.77
C VAL B 309 -12.56 -24.85 -4.30
N THR B 310 -13.38 -24.33 -3.39
CA THR B 310 -13.06 -24.44 -1.96
C THR B 310 -12.94 -25.89 -1.53
N ASP B 311 -13.85 -26.74 -2.01
CA ASP B 311 -13.81 -28.16 -1.67
C ASP B 311 -12.53 -28.81 -2.18
N ALA B 312 -12.13 -28.52 -3.42
CA ALA B 312 -10.91 -29.08 -3.96
C ALA B 312 -9.68 -28.60 -3.19
N MET B 313 -9.67 -27.31 -2.83
CA MET B 313 -8.55 -26.78 -2.06
C MET B 313 -8.45 -27.47 -0.71
N MET B 314 -9.59 -27.68 -0.04
CA MET B 314 -9.57 -28.38 1.24
C MET B 314 -9.10 -29.82 1.07
N ASN B 315 -9.55 -30.49 0.02
CA ASN B 315 -9.26 -31.91 -0.14
C ASN B 315 -7.80 -32.16 -0.49
N GLN B 316 -7.24 -31.35 -1.40
CA GLN B 316 -5.90 -31.64 -1.90
C GLN B 316 -4.79 -31.36 -0.88
N GLY B 317 -5.11 -30.69 0.23
CA GLY B 317 -4.11 -30.47 1.26
C GLY B 317 -3.33 -29.18 1.09
N TRP B 318 -4.02 -28.05 0.98
CA TRP B 318 -3.37 -26.76 0.84
C TRP B 318 -3.30 -26.04 2.18
N ASP B 319 -2.34 -25.12 2.29
CA ASP B 319 -2.17 -24.29 3.47
C ASP B 319 -1.78 -22.89 3.05
N ALA B 320 -1.55 -22.02 4.04
CA ALA B 320 -1.26 -20.62 3.75
C ALA B 320 0.04 -20.47 2.97
N GLU B 321 1.07 -21.24 3.34
CA GLU B 321 2.33 -21.17 2.62
C GLU B 321 2.14 -21.56 1.15
N ARG B 322 1.39 -22.63 0.89
CA ARG B 322 1.13 -23.03 -0.49
C ARG B 322 0.35 -21.95 -1.23
N ILE B 323 -0.65 -21.35 -0.59
CA ILE B 323 -1.45 -20.33 -1.23
C ILE B 323 -0.57 -19.14 -1.64
N PHE B 324 0.29 -18.69 -0.72
CA PHE B 324 1.12 -17.54 -1.03
C PHE B 324 2.22 -17.87 -2.03
N GLN B 325 2.75 -19.09 -2.02
CA GLN B 325 3.72 -19.48 -3.04
C GLN B 325 3.08 -19.54 -4.42
N GLU B 326 1.85 -20.06 -4.51
CA GLU B 326 1.14 -20.05 -5.78
C GLU B 326 0.87 -18.62 -6.24
N ALA B 327 0.52 -17.73 -5.32
CA ALA B 327 0.34 -16.33 -5.68
C ALA B 327 1.63 -15.70 -6.19
N GLU B 328 2.77 -16.01 -5.55
CA GLU B 328 4.04 -15.44 -5.97
C GLU B 328 4.49 -15.99 -7.33
N LYS B 329 4.19 -17.24 -7.62
CA LYS B 329 4.57 -17.82 -8.91
C LYS B 329 3.91 -17.08 -10.06
N PHE B 330 2.66 -16.62 -9.87
CA PHE B 330 1.98 -15.87 -10.92
C PHE B 330 2.74 -14.59 -11.24
N PHE B 331 3.12 -13.83 -10.21
CA PHE B 331 3.86 -12.59 -10.42
C PHE B 331 5.24 -12.84 -10.99
N VAL B 332 5.87 -13.96 -10.63
CA VAL B 332 7.15 -14.30 -11.24
C VAL B 332 6.97 -14.59 -12.73
N SER B 333 5.91 -15.32 -13.09
CA SER B 333 5.65 -15.64 -14.48
C SER B 333 5.34 -14.39 -15.30
N VAL B 334 4.58 -13.45 -14.74
CA VAL B 334 4.29 -12.21 -15.45
C VAL B 334 5.56 -11.39 -15.69
N GLY B 335 6.59 -11.57 -14.86
CA GLY B 335 7.81 -10.81 -15.01
C GLY B 335 7.94 -9.68 -14.00
N LEU B 336 7.68 -9.99 -12.74
CA LEU B 336 7.75 -9.04 -11.65
C LEU B 336 8.71 -9.57 -10.58
N PRO B 337 9.29 -8.69 -9.77
CA PRO B 337 10.34 -9.13 -8.84
C PRO B 337 9.82 -10.13 -7.80
N HIS B 338 10.73 -10.97 -7.33
CA HIS B 338 10.41 -11.94 -6.30
C HIS B 338 10.15 -11.24 -4.97
N MET B 339 9.52 -11.97 -4.05
CA MET B 339 9.28 -11.45 -2.72
C MET B 339 10.58 -11.39 -1.92
N THR B 340 10.68 -10.39 -1.05
CA THR B 340 11.89 -10.19 -0.27
C THR B 340 12.04 -11.30 0.76
N GLN B 341 13.28 -11.51 1.20
CA GLN B 341 13.56 -12.55 2.18
C GLN B 341 12.91 -12.25 3.53
N GLY B 342 12.91 -10.98 3.94
CA GLY B 342 12.30 -10.62 5.21
C GLY B 342 10.79 -10.69 5.20
N PHE B 343 10.17 -10.69 4.01
CA PHE B 343 8.72 -10.78 3.92
C PHE B 343 8.22 -12.09 4.53
N TRP B 344 8.84 -13.20 4.15
CA TRP B 344 8.41 -14.51 4.66
C TRP B 344 8.65 -14.63 6.16
N ALA B 345 9.77 -14.11 6.65
CA ALA B 345 10.12 -14.22 8.06
C ALA B 345 9.41 -13.21 8.95
N ASN B 346 8.78 -12.19 8.38
CA ASN B 346 8.13 -11.15 9.17
C ASN B 346 6.62 -11.08 9.00
N SER B 347 6.06 -11.64 7.93
CA SER B 347 4.63 -11.53 7.72
C SER B 347 3.86 -12.44 8.67
N MET B 348 2.61 -12.06 8.93
CA MET B 348 1.76 -12.83 9.83
C MET B 348 1.11 -14.01 9.11
N LEU B 349 0.25 -13.72 8.13
CA LEU B 349 -0.26 -14.70 7.18
C LEU B 349 -1.15 -15.78 7.79
N THR B 350 -1.31 -15.78 9.11
CA THR B 350 -2.06 -16.85 9.76
C THR B 350 -2.57 -16.33 11.10
N GLU B 351 -3.68 -16.92 11.56
CA GLU B 351 -4.17 -16.62 12.89
C GLU B 351 -3.11 -16.97 13.93
N PRO B 352 -2.89 -16.12 14.92
CA PRO B 352 -1.79 -16.35 15.85
C PRO B 352 -2.09 -17.46 16.86
N ALA B 353 -3.37 -17.75 17.06
CA ALA B 353 -3.80 -18.64 18.13
C ALA B 353 -3.17 -18.22 19.44
N ASP B 354 -2.29 -19.05 20.00
CA ASP B 354 -1.47 -18.70 21.15
C ASP B 354 -2.29 -18.10 22.26
N GLY B 355 -1.92 -16.90 22.72
CA GLY B 355 -2.64 -16.23 23.77
C GLY B 355 -2.74 -14.72 23.59
N ARG B 356 -2.39 -14.23 22.40
CA ARG B 356 -2.45 -12.80 22.12
C ARG B 356 -3.61 -12.48 21.18
N LYS B 357 -4.13 -11.26 21.32
CA LYS B 357 -5.24 -10.78 20.50
C LYS B 357 -4.72 -9.89 19.38
N VAL B 358 -5.23 -10.10 18.17
CA VAL B 358 -4.79 -9.38 16.99
C VAL B 358 -5.99 -8.78 16.29
N VAL B 359 -5.72 -8.11 15.17
CA VAL B 359 -6.75 -7.54 14.31
C VAL B 359 -6.70 -8.28 12.98
N CYS B 360 -7.83 -8.86 12.58
CA CYS B 360 -7.90 -9.72 11.41
C CYS B 360 -8.43 -9.01 10.17
N HIS B 361 -8.23 -7.70 10.08
CA HIS B 361 -8.56 -6.97 8.87
C HIS B 361 -7.37 -7.01 7.92
N PRO B 362 -7.51 -7.59 6.73
CA PRO B 362 -6.35 -7.74 5.84
C PRO B 362 -5.75 -6.40 5.45
N THR B 363 -4.42 -6.33 5.49
CA THR B 363 -3.68 -5.12 5.14
C THR B 363 -2.34 -5.51 4.53
N ALA B 364 -1.79 -4.61 3.73
CA ALA B 364 -0.44 -4.72 3.21
C ALA B 364 0.37 -3.57 3.78
N TRP B 365 1.47 -3.89 4.47
CA TRP B 365 2.22 -2.93 5.24
C TRP B 365 3.50 -2.53 4.52
N ASP B 366 3.73 -1.23 4.41
CA ASP B 366 4.99 -0.67 3.91
C ASP B 366 5.58 0.13 5.06
N LEU B 367 6.35 -0.56 5.92
CA LEU B 367 6.88 0.09 7.11
C LEU B 367 7.85 1.20 6.76
N GLY B 368 8.72 0.97 5.80
CA GLY B 368 9.69 1.95 5.37
C GLY B 368 11.11 1.38 5.36
N HIS B 369 12.00 2.14 4.72
CA HIS B 369 13.41 1.80 4.58
C HIS B 369 13.62 0.47 3.86
N GLY B 370 12.60 -0.02 3.16
CA GLY B 370 12.69 -1.29 2.45
C GLY B 370 12.04 -2.47 3.13
N ASP B 371 11.17 -2.25 4.11
CA ASP B 371 10.50 -3.32 4.83
C ASP B 371 9.07 -3.47 4.34
N PHE B 372 8.70 -4.69 3.95
CA PHE B 372 7.36 -4.98 3.46
C PHE B 372 6.82 -6.20 4.19
N ARG B 373 5.58 -6.09 4.68
CA ARG B 373 4.95 -7.17 5.44
C ARG B 373 3.47 -7.21 5.10
N ILE B 374 2.86 -8.37 5.37
CA ILE B 374 1.44 -8.58 5.12
C ILE B 374 0.81 -9.15 6.39
N LYS B 375 -0.28 -8.54 6.85
CA LYS B 375 -1.05 -9.04 7.98
C LYS B 375 -2.41 -9.50 7.48
N MET B 376 -2.72 -10.77 7.70
CA MET B 376 -3.95 -11.36 7.21
C MET B 376 -4.17 -12.70 7.89
N CYS B 377 -5.41 -12.95 8.31
CA CYS B 377 -5.78 -14.20 8.98
C CYS B 377 -6.36 -15.13 7.92
N THR B 378 -5.48 -15.87 7.24
CA THR B 378 -5.87 -16.67 6.09
C THR B 378 -6.58 -17.95 6.52
N LYS B 379 -7.53 -18.36 5.70
CA LYS B 379 -8.21 -19.65 5.84
C LYS B 379 -8.24 -20.32 4.48
N VAL B 380 -8.51 -21.62 4.47
CA VAL B 380 -8.42 -22.42 3.25
C VAL B 380 -9.78 -22.30 2.55
N THR B 381 -9.94 -21.20 1.81
CA THR B 381 -11.11 -20.94 0.99
C THR B 381 -10.64 -20.32 -0.32
N MET B 382 -11.58 -19.82 -1.10
CA MET B 382 -11.27 -19.14 -2.35
C MET B 382 -11.28 -17.62 -2.21
N ASP B 383 -12.13 -17.09 -1.33
CA ASP B 383 -12.13 -15.65 -1.06
C ASP B 383 -10.76 -15.22 -0.54
N ASN B 384 -10.22 -15.98 0.41
CA ASN B 384 -8.87 -15.72 0.89
C ASN B 384 -7.82 -15.94 -0.20
N PHE B 385 -8.05 -16.90 -1.10
CA PHE B 385 -7.11 -17.12 -2.19
C PHE B 385 -7.01 -15.90 -3.09
N LEU B 386 -8.14 -15.24 -3.38
CA LEU B 386 -8.11 -14.02 -4.19
C LEU B 386 -7.62 -12.83 -3.37
N THR B 387 -7.92 -12.78 -2.08
CA THR B 387 -7.42 -11.69 -1.24
C THR B 387 -5.91 -11.73 -1.14
N ALA B 388 -5.31 -12.92 -1.17
CA ALA B 388 -3.86 -13.02 -1.19
C ALA B 388 -3.28 -12.34 -2.42
N HIS B 389 -3.88 -12.58 -3.58
CA HIS B 389 -3.44 -11.92 -4.80
C HIS B 389 -3.63 -10.41 -4.70
N HIS B 390 -4.74 -9.97 -4.13
CA HIS B 390 -4.99 -8.53 -3.98
C HIS B 390 -3.91 -7.87 -3.12
N GLU B 391 -3.62 -8.46 -1.95
CA GLU B 391 -2.63 -7.86 -1.06
C GLU B 391 -1.23 -7.94 -1.64
N MET B 392 -0.91 -9.03 -2.35
CA MET B 392 0.40 -9.10 -2.98
C MET B 392 0.53 -8.11 -4.13
N GLY B 393 -0.58 -7.79 -4.81
CA GLY B 393 -0.55 -6.71 -5.77
C GLY B 393 -0.28 -5.37 -5.12
N HIS B 394 -0.91 -5.11 -3.97
CA HIS B 394 -0.56 -3.92 -3.19
C HIS B 394 0.93 -3.88 -2.89
N ILE B 395 1.49 -5.02 -2.44
CA ILE B 395 2.90 -5.07 -2.09
C ILE B 395 3.78 -4.81 -3.31
N GLN B 396 3.42 -5.37 -4.45
CA GLN B 396 4.20 -5.16 -5.67
C GLN B 396 4.17 -3.70 -6.09
N TYR B 397 3.01 -3.06 -6.02
CA TYR B 397 2.94 -1.64 -6.38
C TYR B 397 3.75 -0.80 -5.41
N ASP B 398 3.73 -1.16 -4.12
CA ASP B 398 4.57 -0.44 -3.16
C ASP B 398 6.05 -0.62 -3.46
N MET B 399 6.44 -1.83 -3.86
CA MET B 399 7.83 -2.09 -4.19
C MET B 399 8.27 -1.36 -5.45
N ALA B 400 7.34 -1.10 -6.36
CA ALA B 400 7.70 -0.56 -7.67
C ALA B 400 8.35 0.82 -7.55
N TYR B 401 7.79 1.70 -6.72
CA TYR B 401 8.23 3.09 -6.65
C TYR B 401 9.15 3.35 -5.45
N ALA B 402 9.97 2.38 -5.06
CA ALA B 402 10.85 2.57 -3.92
C ALA B 402 11.97 3.57 -4.20
N ARG B 403 12.29 3.83 -5.46
CA ARG B 403 13.39 4.72 -5.80
C ARG B 403 12.97 6.19 -5.92
N GLN B 404 11.68 6.48 -5.87
CA GLN B 404 11.21 7.85 -5.94
C GLN B 404 11.52 8.58 -4.63
N PRO B 405 11.53 9.91 -4.66
CA PRO B 405 11.75 10.67 -3.42
C PRO B 405 10.66 10.40 -2.39
N PHE B 406 10.96 10.76 -1.14
CA PHE B 406 10.08 10.42 -0.03
C PHE B 406 8.70 11.06 -0.18
N LEU B 407 8.66 12.33 -0.56
CA LEU B 407 7.38 13.03 -0.68
C LEU B 407 6.56 12.58 -1.89
N LEU B 408 7.15 11.79 -2.78
CA LEU B 408 6.46 11.31 -3.98
C LEU B 408 6.32 9.78 -3.98
N ARG B 409 6.75 9.13 -2.91
CA ARG B 409 6.58 7.68 -2.76
C ARG B 409 5.13 7.34 -2.44
N ASN B 410 4.26 7.60 -3.41
CA ASN B 410 2.83 7.33 -3.27
C ASN B 410 2.26 6.93 -4.63
N GLY B 411 1.04 6.40 -4.62
CA GLY B 411 0.33 6.14 -5.85
C GLY B 411 -0.07 7.42 -6.54
N ALA B 412 -0.33 7.30 -7.85
CA ALA B 412 -0.70 8.47 -8.64
C ALA B 412 -2.00 9.09 -8.13
N ASN B 413 -2.97 8.26 -7.78
CA ASN B 413 -4.17 8.71 -7.10
C ASN B 413 -4.72 7.56 -6.27
N GLU B 414 -5.68 7.86 -5.40
CA GLU B 414 -6.18 6.88 -4.45
C GLU B 414 -6.90 5.72 -5.12
N GLY B 415 -7.24 5.82 -6.40
CA GLY B 415 -7.99 4.76 -7.06
C GLY B 415 -7.15 3.85 -7.94
N PHE B 416 -5.82 3.84 -7.73
CA PHE B 416 -4.96 2.98 -8.54
C PHE B 416 -4.50 1.72 -7.82
N HIS B 417 -4.34 1.77 -6.48
CA HIS B 417 -3.90 0.57 -5.76
C HIS B 417 -4.90 -0.57 -5.91
N GLU B 418 -6.19 -0.28 -5.79
CA GLU B 418 -7.19 -1.33 -5.88
C GLU B 418 -7.22 -1.94 -7.28
N ALA B 419 -7.14 -1.10 -8.31
CA ALA B 419 -7.14 -1.62 -9.68
C ALA B 419 -5.90 -2.47 -9.95
N VAL B 420 -4.73 -2.02 -9.47
CA VAL B 420 -3.51 -2.80 -9.64
C VAL B 420 -3.64 -4.15 -8.95
N GLY B 421 -4.24 -4.17 -7.77
CA GLY B 421 -4.44 -5.43 -7.08
C GLY B 421 -5.40 -6.35 -7.82
N GLU B 422 -6.49 -5.80 -8.34
CA GLU B 422 -7.55 -6.64 -8.90
C GLU B 422 -7.29 -7.11 -10.33
N ILE B 423 -6.47 -6.41 -11.09
CA ILE B 423 -6.16 -6.89 -12.44
C ILE B 423 -5.35 -8.17 -12.43
N MET B 424 -4.88 -8.62 -11.27
CA MET B 424 -4.22 -9.90 -11.14
C MET B 424 -5.19 -11.00 -10.73
N SER B 425 -6.11 -10.71 -9.82
CA SER B 425 -7.16 -11.67 -9.48
C SER B 425 -8.05 -11.96 -10.67
N LEU B 426 -8.27 -10.95 -11.53
CA LEU B 426 -9.06 -11.18 -12.74
C LEU B 426 -8.45 -12.27 -13.59
N SER B 427 -7.13 -12.23 -13.78
CA SER B 427 -6.46 -13.25 -14.59
C SER B 427 -6.29 -14.57 -13.84
N ALA B 428 -6.19 -14.53 -12.52
CA ALA B 428 -5.97 -15.76 -11.75
C ALA B 428 -7.26 -16.52 -11.47
N ALA B 429 -8.42 -15.90 -11.65
CA ALA B 429 -9.68 -16.57 -11.33
C ALA B 429 -10.27 -17.38 -12.49
N THR B 430 -9.65 -17.34 -13.67
CA THR B 430 -10.24 -18.01 -14.82
C THR B 430 -10.13 -19.53 -14.70
N PRO B 431 -11.13 -20.26 -15.21
CA PRO B 431 -11.07 -21.73 -15.14
C PRO B 431 -9.85 -22.33 -15.82
N LYS B 432 -9.34 -21.69 -16.87
CA LYS B 432 -8.13 -22.21 -17.50
C LYS B 432 -6.93 -22.14 -16.55
N HIS B 433 -6.80 -21.04 -15.80
CA HIS B 433 -5.75 -20.96 -14.80
C HIS B 433 -6.00 -21.95 -13.67
N LEU B 434 -7.26 -22.13 -13.27
CA LEU B 434 -7.57 -23.08 -12.21
C LEU B 434 -7.21 -24.51 -12.63
N LYS B 435 -7.38 -24.82 -13.91
CA LYS B 435 -7.05 -26.15 -14.43
C LYS B 435 -5.55 -26.35 -14.58
N SER B 436 -4.80 -25.26 -14.81
CA SER B 436 -3.36 -25.39 -15.00
C SER B 436 -2.66 -25.82 -13.72
N ILE B 437 -3.12 -25.32 -12.57
CA ILE B 437 -2.49 -25.63 -11.29
C ILE B 437 -3.04 -26.95 -10.75
N GLY B 438 -3.90 -27.61 -11.54
CA GLY B 438 -4.42 -28.90 -11.18
C GLY B 438 -5.62 -28.89 -10.26
N LEU B 439 -6.12 -27.71 -9.87
CA LEU B 439 -7.28 -27.65 -8.99
C LEU B 439 -8.51 -28.26 -9.65
N LEU B 440 -8.74 -27.95 -10.93
CA LEU B 440 -9.84 -28.51 -11.70
C LEU B 440 -9.44 -29.85 -12.33
N PRO B 441 -10.40 -30.72 -12.61
CA PRO B 441 -10.06 -32.03 -13.18
C PRO B 441 -9.38 -31.88 -14.53
N SER B 442 -8.49 -32.83 -14.83
CA SER B 442 -7.77 -32.82 -16.10
C SER B 442 -8.65 -33.24 -17.27
N ASP B 443 -9.86 -33.75 -17.01
CA ASP B 443 -10.83 -34.04 -18.05
C ASP B 443 -11.87 -32.95 -18.19
N PHE B 444 -11.68 -31.82 -17.50
CA PHE B 444 -12.63 -30.72 -17.57
C PHE B 444 -12.67 -30.15 -18.98
N GLN B 445 -13.87 -29.76 -19.41
CA GLN B 445 -14.08 -29.19 -20.73
C GLN B 445 -14.86 -27.89 -20.60
N GLU B 446 -14.35 -26.83 -21.23
CA GLU B 446 -15.02 -25.55 -21.22
C GLU B 446 -16.04 -25.47 -22.34
N ASP B 447 -17.22 -24.93 -22.03
CA ASP B 447 -18.34 -24.90 -22.96
C ASP B 447 -19.10 -23.60 -22.73
N SER B 448 -20.32 -23.53 -23.25
CA SER B 448 -21.16 -22.37 -22.98
C SER B 448 -21.54 -22.28 -21.50
N GLU B 449 -21.62 -23.41 -20.81
CA GLU B 449 -21.97 -23.41 -19.39
C GLU B 449 -20.87 -22.75 -18.56
N THR B 450 -19.61 -23.12 -18.82
CA THR B 450 -18.51 -22.63 -17.99
C THR B 450 -18.34 -21.13 -18.10
N GLU B 451 -18.36 -20.60 -19.33
CA GLU B 451 -18.20 -19.16 -19.53
C GLU B 451 -19.35 -18.39 -18.89
N ILE B 452 -20.57 -18.87 -19.06
CA ILE B 452 -21.73 -18.21 -18.50
C ILE B 452 -21.64 -18.19 -16.97
N ASN B 453 -21.29 -19.33 -16.37
CA ASN B 453 -21.19 -19.39 -14.92
C ASN B 453 -20.07 -18.48 -14.39
N PHE B 454 -18.93 -18.47 -15.08
CA PHE B 454 -17.82 -17.61 -14.67
C PHE B 454 -18.23 -16.14 -14.72
N LEU B 455 -18.89 -15.74 -15.81
CA LEU B 455 -19.31 -14.36 -15.94
C LEU B 455 -20.33 -13.98 -14.87
N LEU B 456 -21.28 -14.88 -14.58
CA LEU B 456 -22.26 -14.58 -13.54
C LEU B 456 -21.58 -14.43 -12.18
N LYS B 457 -20.64 -15.32 -11.87
CA LYS B 457 -19.95 -15.22 -10.59
C LYS B 457 -19.17 -13.92 -10.48
N GLN B 458 -18.48 -13.52 -11.54
CA GLN B 458 -17.74 -12.27 -11.51
C GLN B 458 -18.67 -11.07 -11.39
N ALA B 459 -19.81 -11.11 -12.09
CA ALA B 459 -20.75 -10.00 -12.05
C ALA B 459 -21.37 -9.83 -10.68
N LEU B 460 -21.69 -10.94 -10.01
CA LEU B 460 -22.31 -10.86 -8.69
C LEU B 460 -21.43 -10.08 -7.72
N THR B 461 -20.12 -10.08 -7.91
CA THR B 461 -19.23 -9.32 -7.05
C THR B 461 -18.96 -7.92 -7.60
N ILE B 462 -18.56 -7.81 -8.86
CA ILE B 462 -18.14 -6.52 -9.40
C ILE B 462 -19.34 -5.57 -9.53
N VAL B 463 -20.43 -6.04 -10.13
CA VAL B 463 -21.58 -5.18 -10.36
C VAL B 463 -22.30 -4.87 -9.05
N GLY B 464 -22.29 -5.80 -8.10
CA GLY B 464 -23.07 -5.62 -6.88
C GLY B 464 -22.53 -4.57 -5.94
N THR B 465 -21.25 -4.25 -6.03
CA THR B 465 -20.63 -3.30 -5.10
C THR B 465 -20.65 -1.86 -5.60
N LEU B 466 -20.83 -1.63 -6.90
CA LEU B 466 -20.82 -0.27 -7.42
C LEU B 466 -21.95 0.59 -6.88
N PRO B 467 -23.22 0.13 -6.86
CA PRO B 467 -24.26 0.97 -6.24
C PRO B 467 -24.00 1.26 -4.78
N PHE B 468 -23.51 0.27 -4.03
CA PHE B 468 -23.20 0.48 -2.61
C PHE B 468 -22.13 1.56 -2.46
N THR B 469 -21.07 1.47 -3.25
CA THR B 469 -19.98 2.44 -3.17
C THR B 469 -20.45 3.83 -3.53
N TYR B 470 -21.19 3.96 -4.63
CA TYR B 470 -21.68 5.27 -5.06
C TYR B 470 -22.60 5.87 -4.00
N MET B 471 -23.53 5.07 -3.47
CA MET B 471 -24.45 5.57 -2.46
C MET B 471 -23.70 6.02 -1.20
N LEU B 472 -22.76 5.21 -0.73
CA LEU B 472 -22.05 5.55 0.50
C LEU B 472 -21.22 6.82 0.33
N GLU B 473 -20.47 6.91 -0.77
CA GLU B 473 -19.64 8.09 -0.96
C GLU B 473 -20.49 9.35 -1.16
N LYS B 474 -21.58 9.25 -1.92
CA LYS B 474 -22.44 10.41 -2.11
C LYS B 474 -23.05 10.84 -0.79
N TRP B 475 -23.55 9.90 0.01
CA TRP B 475 -24.17 10.25 1.28
C TRP B 475 -23.16 10.90 2.22
N ARG B 476 -21.94 10.36 2.30
CA ARG B 476 -20.93 10.97 3.14
C ARG B 476 -20.54 12.35 2.63
N TRP B 477 -20.53 12.56 1.31
CA TRP B 477 -20.23 13.89 0.78
C TRP B 477 -21.32 14.90 1.13
N MET B 478 -22.59 14.50 1.05
CA MET B 478 -23.65 15.40 1.49
C MET B 478 -23.54 15.69 2.98
N VAL B 479 -23.20 14.67 3.78
CA VAL B 479 -23.04 14.88 5.22
C VAL B 479 -21.92 15.88 5.50
N PHE B 480 -20.79 15.72 4.82
CA PHE B 480 -19.66 16.62 5.04
C PHE B 480 -19.95 18.02 4.51
N ARG B 481 -20.81 18.14 3.50
CA ARG B 481 -21.29 19.45 3.06
C ARG B 481 -22.40 19.98 3.94
N GLY B 482 -22.90 19.19 4.89
CA GLY B 482 -23.92 19.63 5.80
C GLY B 482 -25.27 19.89 5.17
N GLU B 483 -25.68 19.05 4.20
CA GLU B 483 -26.97 19.18 3.55
C GLU B 483 -28.05 18.32 4.17
N ILE B 484 -27.71 17.46 5.12
CA ILE B 484 -28.66 16.55 5.75
C ILE B 484 -28.68 16.83 7.24
N PRO B 485 -29.82 17.21 7.81
CA PRO B 485 -29.88 17.45 9.26
C PRO B 485 -29.77 16.15 10.03
N LYS B 486 -29.55 16.29 11.34
CA LYS B 486 -29.47 15.13 12.22
C LYS B 486 -30.80 14.42 12.36
N GLU B 487 -31.91 15.11 12.13
CA GLU B 487 -33.24 14.49 12.22
C GLU B 487 -33.65 13.79 10.93
N GLN B 488 -32.88 13.94 9.86
CA GLN B 488 -33.23 13.35 8.57
C GLN B 488 -32.11 12.49 7.99
N TRP B 489 -31.07 12.19 8.79
CA TRP B 489 -29.98 11.37 8.28
C TRP B 489 -30.48 10.00 7.82
N MET B 490 -31.19 9.30 8.71
CA MET B 490 -31.68 7.96 8.37
C MET B 490 -32.74 8.03 7.27
N LYS B 491 -33.60 9.05 7.32
CA LYS B 491 -34.64 9.19 6.30
C LYS B 491 -34.03 9.34 4.91
N LYS B 492 -33.08 10.27 4.76
CA LYS B 492 -32.46 10.48 3.45
C LYS B 492 -31.62 9.28 3.04
N TRP B 493 -30.89 8.68 3.99
CA TRP B 493 -30.07 7.50 3.68
C TRP B 493 -30.93 6.37 3.12
N TRP B 494 -32.03 6.04 3.81
CA TRP B 494 -32.86 4.93 3.37
C TRP B 494 -33.66 5.28 2.12
N GLU B 495 -34.07 6.54 1.96
CA GLU B 495 -34.80 6.93 0.75
C GLU B 495 -33.90 6.81 -0.47
N MET B 496 -32.68 7.31 -0.39
CA MET B 496 -31.75 7.18 -1.51
C MET B 496 -31.35 5.73 -1.72
N LYS B 497 -31.25 4.94 -0.66
CA LYS B 497 -30.98 3.51 -0.81
C LYS B 497 -32.11 2.81 -1.57
N ARG B 498 -33.36 3.16 -1.23
CA ARG B 498 -34.50 2.54 -1.90
C ARG B 498 -34.59 2.95 -3.36
N GLU B 499 -34.34 4.23 -3.66
CA GLU B 499 -34.50 4.70 -5.02
C GLU B 499 -33.26 4.54 -5.88
N ILE B 500 -32.13 4.11 -5.31
CA ILE B 500 -30.88 3.97 -6.05
C ILE B 500 -30.43 2.51 -6.10
N VAL B 501 -30.20 1.89 -4.94
CA VAL B 501 -29.76 0.49 -4.92
C VAL B 501 -30.96 -0.45 -5.06
N GLY B 502 -32.02 -0.20 -4.31
CA GLY B 502 -33.23 -0.99 -4.41
C GLY B 502 -33.34 -2.12 -3.42
N VAL B 503 -32.90 -1.89 -2.19
CA VAL B 503 -33.01 -2.87 -1.12
C VAL B 503 -33.86 -2.28 0.01
N VAL B 504 -34.71 -3.10 0.59
CA VAL B 504 -35.65 -2.66 1.61
C VAL B 504 -35.27 -3.32 2.94
N GLU B 505 -35.73 -2.69 4.04
CA GLU B 505 -35.46 -3.02 5.44
C GLU B 505 -36.59 -3.84 6.03
N PRO B 506 -36.27 -4.72 6.98
CA PRO B 506 -37.30 -5.56 7.61
C PRO B 506 -38.01 -4.87 8.76
N LEU B 507 -37.36 -3.90 9.39
CA LEU B 507 -37.93 -3.18 10.52
C LEU B 507 -37.32 -1.78 10.52
N PRO B 508 -38.13 -0.74 10.73
CA PRO B 508 -37.62 0.63 10.62
C PRO B 508 -36.70 0.97 11.78
N HIS B 509 -35.47 1.38 11.45
CA HIS B 509 -34.51 1.86 12.43
C HIS B 509 -34.74 3.34 12.66
N ASP B 510 -34.97 3.72 13.91
CA ASP B 510 -35.27 5.11 14.22
C ASP B 510 -34.05 5.99 13.99
N GLU B 511 -34.32 7.30 13.88
CA GLU B 511 -33.24 8.26 13.63
C GLU B 511 -32.24 8.35 14.78
N THR B 512 -32.60 7.83 15.96
CA THR B 512 -31.69 7.91 17.10
C THR B 512 -30.43 7.08 16.88
N TYR B 513 -30.48 6.11 15.97
CA TYR B 513 -29.32 5.26 15.70
C TYR B 513 -28.41 5.93 14.68
N CYS B 514 -27.33 5.23 14.31
CA CYS B 514 -26.44 5.67 13.24
C CYS B 514 -26.01 4.44 12.47
N ASP B 515 -26.78 4.09 11.44
CA ASP B 515 -26.53 2.91 10.61
C ASP B 515 -25.22 2.99 9.83
N PRO B 516 -24.92 4.10 9.12
CA PRO B 516 -23.68 4.11 8.33
C PRO B 516 -22.41 3.94 9.14
N ALA B 517 -22.41 4.37 10.40
CA ALA B 517 -21.22 4.27 11.23
C ALA B 517 -20.82 2.84 11.54
N SER B 518 -21.69 1.86 11.26
CA SER B 518 -21.39 0.47 11.57
C SER B 518 -20.35 -0.14 10.64
N LEU B 519 -19.98 0.55 9.56
CA LEU B 519 -18.99 0.03 8.62
C LEU B 519 -17.59 0.40 9.08
N PHE B 520 -16.63 -0.47 8.75
CA PHE B 520 -15.24 -0.26 9.16
C PHE B 520 -14.68 1.02 8.53
N HIS B 521 -14.91 1.21 7.23
CA HIS B 521 -14.40 2.40 6.58
C HIS B 521 -15.04 3.67 7.10
N VAL B 522 -16.32 3.61 7.46
CA VAL B 522 -16.99 4.79 8.00
C VAL B 522 -16.48 5.12 9.39
N SER B 523 -16.27 4.09 10.22
CA SER B 523 -15.83 4.29 11.59
C SER B 523 -14.35 4.61 11.69
N ASN B 524 -13.55 4.27 10.68
CA ASN B 524 -12.11 4.55 10.71
C ASN B 524 -11.72 5.67 9.76
N ASP B 525 -12.70 6.36 9.16
CA ASP B 525 -12.47 7.51 8.29
C ASP B 525 -11.55 7.14 7.12
N TYR B 526 -12.07 6.27 6.26
CA TYR B 526 -11.39 5.84 5.05
C TYR B 526 -12.17 6.31 3.84
N SER B 527 -11.46 6.78 2.82
CA SER B 527 -12.08 7.19 1.58
C SER B 527 -12.71 5.98 0.89
N PHE B 528 -13.84 6.21 0.22
CA PHE B 528 -14.60 5.12 -0.37
C PHE B 528 -14.79 5.24 -1.88
N ILE B 529 -14.55 6.42 -2.48
CA ILE B 529 -14.69 6.57 -3.93
C ILE B 529 -13.59 5.85 -4.69
N ARG B 530 -12.48 5.51 -4.02
CA ARG B 530 -11.49 4.64 -4.63
C ARG B 530 -12.12 3.31 -5.03
N TYR B 531 -13.06 2.82 -4.22
CA TYR B 531 -13.79 1.59 -4.53
C TYR B 531 -14.75 1.76 -5.69
N TYR B 532 -14.99 3.00 -6.14
CA TYR B 532 -15.75 3.21 -7.36
C TYR B 532 -14.86 3.39 -8.58
N THR B 533 -13.71 4.04 -8.41
CA THR B 533 -12.81 4.23 -9.55
C THR B 533 -12.08 2.96 -9.93
N ARG B 534 -11.86 2.05 -8.96
CA ARG B 534 -11.25 0.76 -9.27
C ARG B 534 -12.10 -0.03 -10.26
N THR B 535 -13.41 -0.04 -10.08
CA THR B 535 -14.31 -0.85 -10.90
C THR B 535 -14.30 -0.45 -12.36
N ILE B 536 -13.56 0.58 -12.73
CA ILE B 536 -13.38 0.98 -14.12
C ILE B 536 -11.93 0.95 -14.55
N TYR B 537 -11.02 1.44 -13.69
CA TYR B 537 -9.61 1.40 -14.02
C TYR B 537 -9.12 -0.05 -14.18
N GLN B 538 -9.67 -0.98 -13.39
CA GLN B 538 -9.24 -2.37 -13.51
C GLN B 538 -9.60 -2.94 -14.87
N PHE B 539 -10.80 -2.62 -15.37
CA PHE B 539 -11.20 -3.14 -16.69
C PHE B 539 -10.37 -2.49 -17.80
N GLN B 540 -10.11 -1.19 -17.69
CA GLN B 540 -9.28 -0.54 -18.69
C GLN B 540 -7.89 -1.17 -18.75
N PHE B 541 -7.27 -1.34 -17.59
CA PHE B 541 -5.94 -1.95 -17.55
C PHE B 541 -5.97 -3.39 -18.04
N GLN B 542 -7.05 -4.12 -17.72
CA GLN B 542 -7.15 -5.50 -18.17
C GLN B 542 -7.22 -5.58 -19.68
N GLU B 543 -8.04 -4.73 -20.31
CA GLU B 543 -8.11 -4.75 -21.77
C GLU B 543 -6.78 -4.35 -22.40
N ALA B 544 -6.11 -3.34 -21.83
CA ALA B 544 -4.82 -2.93 -22.37
C ALA B 544 -3.81 -4.07 -22.29
N LEU B 545 -3.76 -4.77 -21.16
CA LEU B 545 -2.83 -5.88 -21.00
C LEU B 545 -3.17 -7.04 -21.93
N CYS B 546 -4.47 -7.31 -22.11
CA CYS B 546 -4.87 -8.36 -23.05
C CYS B 546 -4.44 -8.04 -24.47
N GLN B 547 -4.60 -6.77 -24.88
CA GLN B 547 -4.15 -6.37 -26.21
C GLN B 547 -2.64 -6.47 -26.34
N ALA B 548 -1.91 -6.10 -25.27
CA ALA B 548 -0.45 -6.13 -25.34
C ALA B 548 0.10 -7.55 -25.31
N ALA B 549 -0.63 -8.50 -24.72
CA ALA B 549 -0.15 -9.86 -24.58
C ALA B 549 -0.41 -10.72 -25.82
N LYS B 550 -0.78 -10.10 -26.94
CA LYS B 550 -1.04 -10.81 -28.19
C LYS B 550 -2.11 -11.89 -28.02
N TYR B 551 -3.13 -11.58 -27.23
CA TYR B 551 -4.25 -12.48 -27.03
C TYR B 551 -5.37 -12.14 -28.01
N ASN B 552 -6.13 -13.16 -28.40
CA ASN B 552 -7.26 -12.99 -29.30
C ASN B 552 -8.43 -13.82 -28.79
N GLY B 553 -9.64 -13.25 -28.88
CA GLY B 553 -10.84 -13.91 -28.44
C GLY B 553 -11.64 -12.98 -27.56
N SER B 554 -12.51 -13.57 -26.74
CA SER B 554 -13.33 -12.79 -25.82
C SER B 554 -12.48 -12.24 -24.68
N LEU B 555 -12.97 -11.16 -24.08
CA LEU B 555 -12.18 -10.45 -23.07
C LEU B 555 -12.05 -11.26 -21.78
N HIS B 556 -13.07 -12.05 -21.42
CA HIS B 556 -13.12 -12.71 -20.13
C HIS B 556 -12.43 -14.06 -20.12
N LYS B 557 -11.47 -14.29 -21.02
CA LYS B 557 -10.64 -15.50 -21.01
C LYS B 557 -9.19 -15.13 -21.24
N CYS B 558 -8.74 -14.04 -20.61
CA CYS B 558 -7.44 -13.46 -20.97
C CYS B 558 -6.29 -14.30 -20.41
N ASP B 559 -6.19 -14.37 -19.08
CA ASP B 559 -5.17 -15.15 -18.39
C ASP B 559 -3.77 -14.75 -18.87
N ILE B 560 -3.40 -13.50 -18.54
CA ILE B 560 -2.04 -13.04 -18.84
C ILE B 560 -1.07 -13.78 -17.91
N SER B 561 -0.32 -14.71 -18.49
CA SER B 561 0.63 -15.51 -17.72
C SER B 561 1.76 -15.92 -18.65
N ASN B 562 2.96 -16.00 -18.09
CA ASN B 562 4.18 -16.30 -18.85
C ASN B 562 4.44 -15.29 -19.96
N SER B 563 3.80 -14.12 -19.90
CA SER B 563 3.92 -13.08 -20.91
C SER B 563 4.56 -11.86 -20.27
N THR B 564 5.80 -11.57 -20.64
CA THR B 564 6.54 -10.45 -20.05
C THR B 564 6.17 -9.10 -20.66
N GLU B 565 5.50 -9.09 -21.81
CA GLU B 565 5.12 -7.82 -22.42
C GLU B 565 4.17 -7.04 -21.51
N ALA B 566 3.12 -7.71 -21.02
CA ALA B 566 2.19 -7.05 -20.12
C ALA B 566 2.87 -6.64 -18.82
N GLY B 567 3.78 -7.48 -18.32
CA GLY B 567 4.50 -7.13 -17.11
C GLY B 567 5.32 -5.86 -17.25
N GLN B 568 6.07 -5.75 -18.35
CA GLN B 568 6.86 -4.54 -18.58
C GLN B 568 5.96 -3.33 -18.82
N LYS B 569 4.87 -3.51 -19.56
CA LYS B 569 3.97 -2.39 -19.83
C LYS B 569 3.33 -1.88 -18.56
N LEU B 570 3.06 -2.78 -17.61
CA LEU B 570 2.52 -2.36 -16.32
C LEU B 570 3.60 -1.72 -15.46
N LEU B 571 4.80 -2.28 -15.47
CA LEU B 571 5.86 -1.79 -14.60
C LEU B 571 6.32 -0.39 -14.99
N LYS B 572 6.32 -0.07 -16.30
CA LYS B 572 6.79 1.24 -16.73
C LYS B 572 5.92 2.37 -16.17
N MET B 573 4.68 2.07 -15.79
CA MET B 573 3.82 3.06 -15.14
C MET B 573 3.75 2.87 -13.64
N LEU B 574 3.92 1.64 -13.15
CA LEU B 574 3.99 1.42 -11.70
C LEU B 574 5.18 2.16 -11.10
N SER B 575 6.32 2.14 -11.78
CA SER B 575 7.53 2.76 -11.25
C SER B 575 7.45 4.28 -11.18
N LEU B 576 6.47 4.90 -11.83
CA LEU B 576 6.39 6.36 -11.83
C LEU B 576 6.12 6.91 -10.43
N GLY B 577 5.23 6.27 -9.68
CA GLY B 577 4.88 6.79 -8.37
C GLY B 577 4.00 8.02 -8.52
N ASN B 578 4.30 9.05 -7.72
CA ASN B 578 3.55 10.29 -7.73
C ASN B 578 4.28 11.41 -8.45
N SER B 579 5.29 11.09 -9.27
CA SER B 579 6.12 12.12 -9.87
C SER B 579 5.42 12.86 -10.99
N GLU B 580 4.50 12.19 -11.68
CA GLU B 580 3.82 12.76 -12.83
C GLU B 580 2.32 12.72 -12.61
N PRO B 581 1.56 13.60 -13.27
CA PRO B 581 0.11 13.64 -13.04
C PRO B 581 -0.56 12.33 -13.40
N TRP B 582 -1.68 12.06 -12.72
CA TRP B 582 -2.38 10.80 -12.93
C TRP B 582 -2.93 10.70 -14.35
N THR B 583 -3.19 11.84 -15.00
CA THR B 583 -3.61 11.79 -16.40
C THR B 583 -2.53 11.18 -17.28
N LYS B 584 -1.29 11.67 -17.15
CA LYS B 584 -0.17 11.11 -17.90
C LYS B 584 0.10 9.67 -17.49
N ALA B 585 -0.03 9.38 -16.19
CA ALA B 585 0.19 8.02 -15.72
C ALA B 585 -0.79 7.04 -16.36
N LEU B 586 -2.07 7.43 -16.45
CA LEU B 586 -3.05 6.61 -17.14
C LEU B 586 -2.74 6.49 -18.61
N GLU B 587 -2.43 7.62 -19.26
CA GLU B 587 -2.21 7.63 -20.70
C GLU B 587 -1.04 6.73 -21.09
N ASN B 588 -0.01 6.66 -20.25
CA ASN B 588 1.20 5.91 -20.58
C ASN B 588 0.89 4.45 -20.89
N VAL B 589 -0.20 3.91 -20.36
CA VAL B 589 -0.60 2.53 -20.59
C VAL B 589 -1.84 2.45 -21.47
N VAL B 590 -2.86 3.26 -21.17
CA VAL B 590 -4.15 3.09 -21.83
C VAL B 590 -4.26 3.91 -23.12
N GLY B 591 -3.63 5.08 -23.17
CA GLY B 591 -3.85 5.98 -24.29
C GLY B 591 -5.12 6.78 -24.17
N ALA B 592 -5.63 6.96 -22.94
CA ALA B 592 -6.82 7.76 -22.69
C ALA B 592 -6.47 8.81 -21.64
N ARG B 593 -7.45 9.67 -21.33
CA ARG B 593 -7.21 10.73 -20.36
C ARG B 593 -8.36 10.91 -19.39
N ASN B 594 -9.26 9.95 -19.29
CA ASN B 594 -10.41 10.05 -18.40
C ASN B 594 -11.02 8.65 -18.24
N MET B 595 -12.15 8.60 -17.53
CA MET B 595 -12.83 7.35 -17.28
C MET B 595 -13.48 6.82 -18.57
N ASP B 596 -13.68 5.51 -18.60
CA ASP B 596 -14.22 4.86 -19.80
C ASP B 596 -14.93 3.58 -19.39
N VAL B 597 -16.22 3.46 -19.75
CA VAL B 597 -17.02 2.29 -19.40
C VAL B 597 -17.03 1.25 -20.51
N LYS B 598 -16.56 1.61 -21.71
CA LYS B 598 -16.57 0.67 -22.83
C LYS B 598 -15.84 -0.64 -22.55
N PRO B 599 -14.66 -0.67 -21.92
CA PRO B 599 -14.07 -1.98 -21.57
C PRO B 599 -14.94 -2.81 -20.65
N LEU B 600 -15.60 -2.17 -19.67
CA LEU B 600 -16.48 -2.89 -18.77
C LEU B 600 -17.67 -3.48 -19.53
N LEU B 601 -18.26 -2.71 -20.43
CA LEU B 601 -19.36 -3.22 -21.24
C LEU B 601 -18.91 -4.35 -22.13
N ASN B 602 -17.69 -4.25 -22.69
CA ASN B 602 -17.14 -5.35 -23.48
C ASN B 602 -16.99 -6.61 -22.64
N TYR B 603 -16.52 -6.45 -21.40
CA TYR B 603 -16.35 -7.59 -20.52
C TYR B 603 -17.69 -8.26 -20.20
N PHE B 604 -18.72 -7.46 -19.92
CA PHE B 604 -20.00 -8.00 -19.47
C PHE B 604 -21.03 -8.14 -20.61
N GLN B 605 -20.60 -8.00 -21.85
CA GLN B 605 -21.50 -8.20 -22.99
C GLN B 605 -22.23 -9.55 -23.01
N PRO B 606 -21.56 -10.69 -22.82
CA PRO B 606 -22.28 -11.97 -22.98
C PRO B 606 -23.34 -12.25 -21.92
N LEU B 607 -23.43 -11.42 -20.87
CA LEU B 607 -24.43 -11.62 -19.82
C LEU B 607 -25.66 -10.76 -20.00
N PHE B 608 -25.51 -9.58 -20.60
CA PHE B 608 -26.65 -8.67 -20.80
C PHE B 608 -27.72 -9.33 -21.66
N ASP B 609 -27.30 -9.94 -22.78
CA ASP B 609 -28.26 -10.57 -23.69
C ASP B 609 -28.97 -11.73 -23.01
N TRP B 610 -28.21 -12.57 -22.30
CA TRP B 610 -28.83 -13.72 -21.64
C TRP B 610 -29.82 -13.26 -20.58
N LEU B 611 -29.46 -12.23 -19.82
CA LEU B 611 -30.37 -11.73 -18.79
C LEU B 611 -31.65 -11.19 -19.40
N LYS B 612 -31.52 -10.44 -20.51
CA LYS B 612 -32.71 -9.93 -21.17
C LYS B 612 -33.60 -11.08 -21.67
N GLU B 613 -32.99 -12.11 -22.25
CA GLU B 613 -33.79 -13.21 -22.79
C GLU B 613 -34.42 -14.05 -21.69
N GLN B 614 -33.71 -14.27 -20.58
CA GLN B 614 -34.21 -15.09 -19.48
C GLN B 614 -35.22 -14.36 -18.62
N ASN B 615 -35.24 -13.02 -18.66
CA ASN B 615 -36.19 -12.24 -17.86
C ASN B 615 -37.42 -11.87 -18.67
N ARG B 616 -37.88 -12.79 -19.52
CA ARG B 616 -39.02 -12.50 -20.40
C ARG B 616 -40.30 -12.22 -19.62
N ASN B 617 -40.44 -12.83 -18.44
CA ASN B 617 -41.61 -12.62 -17.59
C ASN B 617 -41.22 -11.95 -16.28
N SER B 618 -40.35 -10.93 -16.36
CA SER B 618 -39.81 -10.27 -15.19
C SER B 618 -40.57 -8.97 -14.91
N PHE B 619 -40.79 -8.71 -13.61
CA PHE B 619 -41.30 -7.43 -13.15
C PHE B 619 -40.10 -6.58 -12.77
N VAL B 620 -39.41 -6.08 -13.80
CA VAL B 620 -38.19 -5.30 -13.59
C VAL B 620 -38.57 -3.93 -13.05
N GLY B 621 -38.17 -3.64 -11.81
CA GLY B 621 -38.47 -2.36 -11.20
C GLY B 621 -38.80 -2.47 -9.73
N TRP B 622 -38.26 -1.56 -8.94
CA TRP B 622 -38.49 -1.51 -7.50
C TRP B 622 -39.15 -0.19 -7.13
N ASN B 623 -39.85 -0.19 -6.01
CA ASN B 623 -40.62 0.97 -5.57
C ASN B 623 -40.31 1.27 -4.10
N THR B 624 -40.41 2.55 -3.75
CA THR B 624 -40.21 2.97 -2.37
C THR B 624 -41.41 2.66 -1.50
N GLU B 625 -42.62 2.67 -2.08
CA GLU B 625 -43.84 2.59 -1.28
C GLU B 625 -44.01 1.23 -0.61
N TRP B 626 -43.52 0.16 -1.23
CA TRP B 626 -43.69 -1.18 -0.67
C TRP B 626 -42.67 -1.43 0.42
N SER B 627 -43.15 -1.54 1.66
CA SER B 627 -42.32 -1.84 2.82
C SER B 627 -42.91 -3.07 3.50
N PRO B 628 -42.11 -4.12 3.72
CA PRO B 628 -42.67 -5.37 4.24
C PRO B 628 -43.36 -5.22 5.59
N TYR B 629 -42.83 -4.39 6.48
CA TYR B 629 -43.44 -4.26 7.79
C TYR B 629 -44.67 -3.34 7.72
N ALA B 630 -45.52 -3.45 8.74
CA ALA B 630 -46.72 -2.62 8.81
C ALA B 630 -46.35 -1.16 9.03
N ASP B 631 -46.98 -0.28 8.26
CA ASP B 631 -46.75 1.16 8.35
C ASP B 631 -45.29 1.54 8.11
C1 NAG C . 3.19 -8.73 23.22
C2 NAG C . 4.51 -9.50 23.22
C3 NAG C . 4.95 -9.79 24.65
C4 NAG C . 5.02 -8.50 25.46
C5 NAG C . 3.67 -7.77 25.38
C6 NAG C . 3.69 -6.42 26.05
C7 NAG C . 5.26 -11.09 21.51
C8 NAG C . 4.98 -12.40 20.82
N2 NAG C . 4.39 -10.73 22.46
O3 NAG C . 6.22 -10.42 24.63
O4 NAG C . 5.31 -8.79 26.82
O5 NAG C . 3.33 -7.54 24.00
O6 NAG C . 3.25 -5.40 25.17
O7 NAG C . 6.21 -10.38 21.21
C1 NAG C . 6.59 -8.20 27.18
C2 NAG C . 7.23 -9.09 28.25
C3 NAG C . 8.74 -9.22 28.00
C4 NAG C . 9.35 -7.90 27.56
C5 NAG C . 8.61 -7.31 26.36
C6 NAG C . 9.45 -7.29 25.10
C7 NAG C . 6.70 -9.34 30.63
C8 NAG C . 6.46 -8.63 31.94
N2 NAG C . 6.98 -8.56 29.58
O3 NAG C . 8.97 -10.21 27.02
O4 NAG C . 9.31 -6.96 28.63
O5 NAG C . 7.46 -8.10 26.07
O6 NAG C . 10.72 -7.91 25.31
O7 NAG C . 6.62 -10.56 30.53
C1 NAG D . 37.28 -13.25 13.82
C2 NAG D . 37.64 -14.65 13.34
C3 NAG D . 36.72 -15.68 13.99
C4 NAG D . 36.74 -15.52 15.51
C5 NAG D . 36.41 -14.09 15.89
C6 NAG D . 36.53 -13.83 17.37
C7 NAG D . 38.57 -15.25 11.14
C8 NAG D . 39.79 -15.70 11.89
N2 NAG D . 37.58 -14.76 11.90
O3 NAG D . 37.15 -16.99 13.63
O4 NAG D . 35.77 -16.40 16.09
O5 NAG D . 37.33 -13.19 15.25
O6 NAG D . 37.74 -13.16 17.69
O7 NAG D . 38.49 -15.31 9.92
#